data_1XLF
#
_entry.id   1XLF
#
_cell.length_a   106.000
_cell.length_b   106.000
_cell.length_c   153.800
_cell.angle_alpha   90.00
_cell.angle_beta   90.00
_cell.angle_gamma   120.00
#
_symmetry.space_group_name_H-M   'P 31 2 1'
#
loop_
_entity.id
_entity.type
_entity.pdbx_description
1 polymer 'D-XYLOSE ISOMERASE'
2 non-polymer 'D-gluconic acid'
3 non-polymer 'MANGANESE (II) ION'
4 water water
#
_entity_poly.entity_id   1
_entity_poly.type   'polypeptide(L)'
_entity_poly.pdbx_seq_one_letter_code
;SVQPTPADHFTFGLWTVGWTGADPFGVATRKNLDPVEAVHKLAELGAYGITFHDNDLIPFDATEAEREKILGDFNQALKD
TGLKVPMVTTNLFSHPVFKDGGFTSNDRSIRRFALAKVLHNIDLAAEMGAETFVMWGGREGSEYDGSKDLAAALDRMREG
VDTAAGYIKDKGYNLRIALEPKPNEPRGDIFLPTVGHGLAFIEQLEHGDIVGLNPETGHEQMAGLNFTHGIAQALWAEKL
FHIDLNGQRGIKYDQDLVFGHGDLTSAFFTVDLLENGFPNGGPKYTGPRHFDYKPSRTDGYDGVWDSAKANMSMYLLLKE
RALAFRADPEVQEAMKTSGVFELGETTLNAGESAADLMNDSASFAGFDAEAAAERNFAFIRLNQLAIEHLLGSR
;
_entity_poly.pdbx_strand_id   A,B
#
# COMPACT_ATOMS: atom_id res chain seq x y z
N VAL A 2 9.68 -7.68 23.60
CA VAL A 2 10.71 -7.63 22.55
C VAL A 2 11.69 -6.50 22.88
N GLN A 3 12.89 -6.99 23.14
CA GLN A 3 14.08 -6.17 23.48
C GLN A 3 15.22 -6.63 22.58
N PRO A 4 15.69 -5.68 21.77
CA PRO A 4 16.76 -5.99 20.82
C PRO A 4 18.04 -6.19 21.57
N THR A 5 18.83 -7.08 21.06
CA THR A 5 20.18 -7.30 21.61
C THR A 5 21.10 -7.25 20.42
N PRO A 6 22.39 -6.91 20.57
CA PRO A 6 23.41 -6.89 19.51
C PRO A 6 23.44 -8.05 18.57
N ALA A 7 22.97 -9.22 18.84
CA ALA A 7 22.65 -10.48 18.33
C ALA A 7 21.63 -10.44 17.16
N ASP A 8 20.75 -9.50 17.23
CA ASP A 8 19.73 -9.08 16.34
C ASP A 8 20.39 -8.44 15.13
N HIS A 9 21.50 -7.72 15.21
CA HIS A 9 22.19 -7.10 14.10
C HIS A 9 21.50 -5.89 13.49
N PHE A 10 20.88 -5.12 14.34
CA PHE A 10 20.20 -3.90 13.99
C PHE A 10 21.26 -2.85 13.79
N THR A 11 21.32 -2.26 12.62
CA THR A 11 22.28 -1.23 12.22
C THR A 11 21.44 -0.04 11.80
N PHE A 12 21.95 1.17 11.95
CA PHE A 12 21.38 2.46 11.66
C PHE A 12 22.39 3.42 11.03
N GLY A 13 21.91 4.26 10.14
CA GLY A 13 22.94 5.20 9.56
C GLY A 13 22.95 6.40 10.48
N LEU A 14 24.06 7.13 10.48
CA LEU A 14 24.21 8.37 11.26
C LEU A 14 23.29 9.45 10.81
N TRP A 15 23.03 9.51 9.49
CA TRP A 15 22.15 10.37 8.74
C TRP A 15 20.68 10.04 9.05
N THR A 16 20.28 8.88 9.52
CA THR A 16 18.88 8.54 9.83
C THR A 16 18.31 9.27 11.02
N VAL A 17 18.81 8.99 12.23
CA VAL A 17 18.46 9.70 13.47
C VAL A 17 19.07 11.11 13.45
N GLY A 18 20.12 11.34 12.63
CA GLY A 18 20.69 12.66 12.47
C GLY A 18 19.91 13.53 11.51
N TRP A 19 18.95 13.02 10.73
CA TRP A 19 18.15 13.86 9.84
C TRP A 19 17.44 14.95 10.65
N THR A 20 17.79 16.14 10.27
CA THR A 20 17.43 17.46 10.81
C THR A 20 16.14 18.03 10.44
N GLY A 21 15.45 17.46 9.45
CA GLY A 21 14.15 17.84 9.04
C GLY A 21 13.94 18.75 7.88
N ALA A 22 15.01 19.12 7.22
CA ALA A 22 14.86 20.03 6.05
C ALA A 22 14.29 19.20 4.92
N ASP A 23 13.34 19.71 4.19
CA ASP A 23 12.77 18.93 3.01
C ASP A 23 12.75 19.94 1.91
N PRO A 24 12.14 19.72 0.76
CA PRO A 24 12.04 20.73 -0.34
C PRO A 24 11.21 21.96 -0.06
N PHE A 25 10.25 21.93 0.87
CA PHE A 25 9.40 23.03 1.23
C PHE A 25 9.73 23.70 2.53
N GLY A 26 10.72 23.27 3.29
CA GLY A 26 11.09 23.84 4.56
C GLY A 26 12.44 23.48 5.13
N VAL A 27 12.78 24.31 6.13
CA VAL A 27 14.04 24.23 6.88
C VAL A 27 14.02 23.17 7.94
N ALA A 28 15.15 22.89 8.48
CA ALA A 28 15.33 21.92 9.56
C ALA A 28 14.51 22.22 10.79
N THR A 29 13.94 21.28 11.48
CA THR A 29 13.16 21.53 12.71
C THR A 29 13.90 21.11 13.98
N ARG A 30 15.03 20.47 13.84
CA ARG A 30 15.90 19.93 14.85
C ARG A 30 17.35 20.44 14.62
N LYS A 31 18.07 20.49 15.77
CA LYS A 31 19.50 20.91 15.76
C LYS A 31 20.39 19.76 15.27
N ASN A 32 21.60 19.99 14.85
CA ASN A 32 22.47 18.93 14.37
C ASN A 32 22.77 17.93 15.47
N LEU A 33 22.95 16.66 15.12
CA LEU A 33 23.24 15.63 16.09
C LEU A 33 24.74 15.38 16.25
N ASP A 34 25.32 15.44 17.42
CA ASP A 34 26.75 15.11 17.58
C ASP A 34 26.86 13.62 17.31
N PRO A 35 27.83 13.21 16.51
CA PRO A 35 28.07 11.80 16.20
C PRO A 35 28.42 10.96 17.39
N VAL A 36 29.13 11.50 18.39
CA VAL A 36 29.52 10.87 19.61
C VAL A 36 28.24 10.45 20.38
N GLU A 37 27.32 11.37 20.47
CA GLU A 37 26.03 11.12 21.08
C GLU A 37 25.22 10.07 20.34
N ALA A 38 25.18 10.11 19.01
CA ALA A 38 24.46 9.15 18.19
C ALA A 38 24.92 7.74 18.57
N VAL A 39 26.22 7.50 18.56
CA VAL A 39 26.85 6.26 18.93
C VAL A 39 26.50 5.72 20.31
N HIS A 40 26.49 6.54 21.34
CA HIS A 40 26.18 6.22 22.73
C HIS A 40 24.67 6.00 22.75
N LYS A 41 23.86 6.88 22.23
CA LYS A 41 22.43 6.62 22.23
C LYS A 41 22.04 5.30 21.58
N LEU A 42 22.51 4.99 20.38
CA LEU A 42 22.27 3.77 19.62
C LEU A 42 22.76 2.59 20.43
N ALA A 43 23.94 2.64 21.00
CA ALA A 43 24.43 1.58 21.92
C ALA A 43 23.42 1.42 23.02
N GLU A 44 22.92 2.37 23.75
CA GLU A 44 21.92 2.12 24.79
C GLU A 44 20.63 1.57 24.25
N LEU A 45 20.11 1.72 23.04
CA LEU A 45 18.85 1.14 22.57
C LEU A 45 18.98 -0.30 22.16
N GLY A 46 20.16 -0.81 21.93
CA GLY A 46 20.37 -2.19 21.53
C GLY A 46 20.94 -2.29 20.12
N ALA A 47 21.35 -1.18 19.51
CA ALA A 47 21.93 -1.37 18.19
C ALA A 47 23.19 -2.22 18.23
N TYR A 48 23.41 -2.91 17.13
CA TYR A 48 24.55 -3.72 16.87
C TYR A 48 25.60 -2.79 16.22
N GLY A 49 25.26 -1.93 15.30
CA GLY A 49 26.27 -1.12 14.64
C GLY A 49 25.67 0.15 14.05
N ILE A 50 26.64 0.96 13.55
CA ILE A 50 26.38 2.25 12.95
C ILE A 50 27.00 2.33 11.57
N THR A 51 26.37 3.16 10.69
CA THR A 51 26.87 3.30 9.32
C THR A 51 26.89 4.77 8.97
N PHE A 52 27.62 5.20 7.96
CA PHE A 52 27.68 6.61 7.59
C PHE A 52 28.16 6.74 6.15
N HIS A 53 27.96 7.97 5.70
CA HIS A 53 28.41 8.50 4.41
C HIS A 53 29.68 9.35 4.74
N ASP A 54 30.72 9.36 3.97
CA ASP A 54 31.94 10.18 4.28
C ASP A 54 31.57 11.53 4.83
N ASN A 55 30.80 12.40 4.14
CA ASN A 55 30.42 13.72 4.60
C ASN A 55 29.39 13.81 5.69
N ASP A 56 28.80 12.72 6.22
CA ASP A 56 27.90 12.77 7.37
C ASP A 56 28.80 13.05 8.61
N LEU A 57 29.99 12.50 8.61
CA LEU A 57 31.02 12.55 9.55
C LEU A 57 31.99 13.69 9.30
N ILE A 58 32.75 13.59 8.23
CA ILE A 58 33.78 14.58 7.85
C ILE A 58 33.27 15.52 6.78
N PRO A 59 33.16 16.79 7.16
CA PRO A 59 32.64 17.83 6.25
C PRO A 59 33.38 17.84 4.96
N PHE A 60 32.82 18.30 3.84
CA PHE A 60 33.42 18.36 2.51
C PHE A 60 34.73 19.15 2.51
N ASP A 61 34.63 20.31 3.14
CA ASP A 61 35.75 21.23 3.32
C ASP A 61 36.65 21.00 4.57
N ALA A 62 36.58 19.96 5.35
CA ALA A 62 37.38 19.73 6.52
C ALA A 62 38.88 19.75 6.26
N THR A 63 39.66 20.45 7.05
CA THR A 63 41.14 20.46 6.97
C THR A 63 41.59 19.13 7.54
N GLU A 64 42.83 18.73 7.44
CA GLU A 64 43.37 17.47 7.93
C GLU A 64 43.31 17.31 9.46
N ALA A 65 43.59 18.38 10.16
CA ALA A 65 43.61 18.48 11.62
C ALA A 65 42.13 18.21 11.93
N GLU A 66 41.20 18.92 11.37
CA GLU A 66 39.79 18.60 11.65
C GLU A 66 39.40 17.19 11.39
N ARG A 67 39.74 16.53 10.31
CA ARG A 67 39.39 15.17 9.98
C ARG A 67 39.85 14.22 11.03
N GLU A 68 41.10 14.42 11.41
CA GLU A 68 41.78 13.68 12.47
C GLU A 68 41.04 13.72 13.82
N LYS A 69 40.58 14.92 14.21
CA LYS A 69 39.85 15.16 15.49
C LYS A 69 38.59 14.33 15.52
N ILE A 70 37.76 14.62 14.48
CA ILE A 70 36.49 13.93 14.25
C ILE A 70 36.67 12.45 14.30
N LEU A 71 37.61 11.88 13.60
CA LEU A 71 37.90 10.44 13.57
C LEU A 71 38.28 9.90 14.93
N GLY A 72 39.06 10.62 15.74
CA GLY A 72 39.48 10.34 17.07
C GLY A 72 38.27 10.34 17.99
N ASP A 73 37.40 11.32 17.81
CA ASP A 73 36.16 11.34 18.65
C ASP A 73 35.30 10.12 18.29
N PHE A 74 35.09 9.85 17.03
CA PHE A 74 34.23 8.73 16.58
C PHE A 74 34.84 7.41 16.93
N ASN A 75 36.10 7.14 16.73
CA ASN A 75 36.72 5.88 17.12
C ASN A 75 36.71 5.69 18.65
N GLN A 76 36.81 6.73 19.45
CA GLN A 76 36.76 6.75 20.89
C GLN A 76 35.41 6.12 21.30
N ALA A 77 34.32 6.73 20.78
CA ALA A 77 32.91 6.36 20.97
C ALA A 77 32.63 4.90 20.69
N LEU A 78 33.13 4.39 19.55
CA LEU A 78 33.04 3.05 19.15
C LEU A 78 33.77 2.14 20.13
N LYS A 79 34.98 2.57 20.58
CA LYS A 79 35.76 1.77 21.55
C LYS A 79 34.95 1.72 22.83
N ASP A 80 34.51 2.87 23.31
CA ASP A 80 33.69 2.91 24.52
C ASP A 80 32.42 2.06 24.48
N THR A 81 31.68 1.97 23.39
CA THR A 81 30.41 1.27 23.33
C THR A 81 30.44 -0.10 22.73
N GLY A 82 31.41 -0.43 21.90
CA GLY A 82 31.40 -1.73 21.27
C GLY A 82 30.67 -1.74 19.93
N LEU A 83 30.17 -0.60 19.42
CA LEU A 83 29.47 -0.67 18.13
C LEU A 83 30.43 -1.01 17.01
N LYS A 84 30.04 -1.79 16.09
CA LYS A 84 30.68 -2.21 14.85
C LYS A 84 30.25 -1.16 13.80
N VAL A 85 30.96 -1.03 12.69
CA VAL A 85 30.76 -0.21 11.51
C VAL A 85 30.75 -1.21 10.31
N PRO A 86 29.60 -1.85 10.06
CA PRO A 86 29.44 -2.84 9.03
C PRO A 86 29.40 -2.37 7.63
N MET A 87 28.96 -1.12 7.38
CA MET A 87 28.87 -0.55 6.02
C MET A 87 29.25 0.91 6.06
N VAL A 88 29.86 1.40 4.98
CA VAL A 88 30.26 2.80 4.81
C VAL A 88 29.85 3.11 3.33
N THR A 89 29.48 4.35 3.12
CA THR A 89 29.06 4.80 1.77
C THR A 89 29.60 6.17 1.47
N THR A 90 29.46 6.65 0.25
CA THR A 90 29.97 7.93 -0.22
C THR A 90 28.82 8.88 -0.58
N ASN A 91 29.03 10.13 -0.28
CA ASN A 91 28.00 11.10 -0.67
C ASN A 91 28.44 11.68 -2.05
N LEU A 92 27.80 11.26 -3.09
CA LEU A 92 27.97 11.71 -4.45
C LEU A 92 26.69 12.47 -4.89
N PHE A 93 26.01 13.14 -3.96
CA PHE A 93 24.77 13.82 -4.36
C PHE A 93 24.49 15.17 -3.76
N SER A 94 25.05 15.61 -2.65
CA SER A 94 24.67 16.91 -2.08
C SER A 94 25.37 18.15 -2.57
N HIS A 95 26.64 18.06 -2.86
CA HIS A 95 27.41 19.22 -3.34
C HIS A 95 26.96 19.53 -4.73
N PRO A 96 26.81 20.82 -5.12
CA PRO A 96 26.42 21.27 -6.47
C PRO A 96 27.29 20.68 -7.51
N VAL A 97 28.58 20.33 -7.40
CA VAL A 97 29.39 19.66 -8.36
C VAL A 97 28.68 18.40 -8.91
N PHE A 98 27.98 17.63 -8.10
CA PHE A 98 27.25 16.44 -8.42
C PHE A 98 25.87 16.67 -8.98
N LYS A 99 25.44 17.83 -9.47
CA LYS A 99 24.11 18.08 -10.04
C LYS A 99 23.74 17.21 -11.24
N ASP A 100 24.67 16.62 -12.01
CA ASP A 100 24.40 15.75 -13.09
C ASP A 100 24.94 14.37 -12.82
N GLY A 101 25.25 14.05 -11.54
CA GLY A 101 25.80 12.72 -11.22
C GLY A 101 27.28 12.86 -10.83
N GLY A 102 27.73 11.71 -10.43
CA GLY A 102 29.16 11.58 -10.01
C GLY A 102 29.74 10.73 -11.16
N PHE A 103 29.55 9.44 -11.10
CA PHE A 103 30.08 8.54 -12.12
C PHE A 103 29.55 8.78 -13.56
N THR A 104 28.28 9.24 -13.70
CA THR A 104 27.71 9.45 -14.99
C THR A 104 27.46 10.91 -15.32
N SER A 105 28.17 11.81 -14.71
CA SER A 105 28.09 13.23 -15.03
C SER A 105 28.58 13.28 -16.50
N ASN A 106 28.13 14.19 -17.32
CA ASN A 106 28.44 14.52 -18.68
C ASN A 106 29.86 15.14 -18.67
N ASP A 107 30.20 15.93 -17.64
CA ASP A 107 31.54 16.46 -17.49
C ASP A 107 32.45 15.38 -16.96
N ARG A 108 33.52 15.14 -17.75
CA ARG A 108 34.58 14.17 -17.40
C ARG A 108 35.42 14.55 -16.20
N SER A 109 35.66 15.83 -15.97
CA SER A 109 36.53 16.24 -14.84
C SER A 109 35.80 15.87 -13.58
N ILE A 110 34.50 16.12 -13.51
CA ILE A 110 33.61 15.72 -12.43
C ILE A 110 33.59 14.18 -12.31
N ARG A 111 33.56 13.39 -13.39
CA ARG A 111 33.54 11.94 -13.25
C ARG A 111 34.79 11.47 -12.53
N ARG A 112 35.95 12.04 -12.80
CA ARG A 112 37.28 11.75 -12.22
C ARG A 112 37.29 12.12 -10.75
N PHE A 113 36.75 13.29 -10.40
CA PHE A 113 36.67 13.67 -8.98
C PHE A 113 35.84 12.67 -8.17
N ALA A 114 34.67 12.33 -8.71
CA ALA A 114 33.74 11.40 -8.09
C ALA A 114 34.40 10.09 -7.79
N LEU A 115 35.07 9.51 -8.76
CA LEU A 115 35.78 8.24 -8.62
C LEU A 115 36.93 8.36 -7.63
N ALA A 116 37.69 9.45 -7.62
CA ALA A 116 38.78 9.71 -6.65
C ALA A 116 38.19 9.70 -5.22
N LYS A 117 37.08 10.43 -5.04
CA LYS A 117 36.29 10.54 -3.80
C LYS A 117 35.90 9.16 -3.28
N VAL A 118 35.49 8.20 -4.05
CA VAL A 118 35.12 6.84 -3.81
C VAL A 118 36.33 6.03 -3.38
N LEU A 119 37.42 6.07 -4.15
CA LEU A 119 38.68 5.31 -3.81
C LEU A 119 39.17 5.64 -2.43
N HIS A 120 39.33 6.90 -2.07
CA HIS A 120 39.73 7.40 -0.77
C HIS A 120 38.77 6.83 0.23
N ASN A 121 37.45 6.94 0.05
CA ASN A 121 36.46 6.37 0.97
C ASN A 121 36.57 4.89 1.17
N ILE A 122 37.04 4.05 0.29
CA ILE A 122 37.26 2.62 0.34
C ILE A 122 38.37 2.33 1.35
N ASP A 123 39.38 3.18 1.36
CA ASP A 123 40.50 3.17 2.29
C ASP A 123 39.96 3.28 3.70
N LEU A 124 39.23 4.35 3.91
CA LEU A 124 38.55 4.63 5.18
C LEU A 124 37.64 3.48 5.55
N ALA A 125 36.80 2.98 4.66
CA ALA A 125 35.89 1.85 4.95
C ALA A 125 36.66 0.65 5.46
N ALA A 126 37.77 0.31 4.83
CA ALA A 126 38.70 -0.71 5.18
C ALA A 126 39.24 -0.38 6.57
N GLU A 127 39.72 0.78 6.93
CA GLU A 127 40.18 1.08 8.30
C GLU A 127 39.06 0.95 9.35
N MET A 128 37.81 1.28 9.11
CA MET A 128 36.74 1.10 10.06
C MET A 128 36.31 -0.32 10.24
N GLY A 129 36.72 -1.33 9.50
CA GLY A 129 36.30 -2.69 9.60
C GLY A 129 34.97 -2.97 8.92
N ALA A 130 34.48 -2.15 8.01
CA ALA A 130 33.22 -2.41 7.29
C ALA A 130 33.35 -3.61 6.40
N GLU A 131 32.37 -4.44 6.20
CA GLU A 131 32.38 -5.62 5.32
C GLU A 131 31.70 -5.15 4.01
N THR A 132 30.80 -4.14 4.06
CA THR A 132 30.08 -3.63 2.90
C THR A 132 30.31 -2.17 2.56
N PHE A 133 30.44 -2.04 1.22
CA PHE A 133 30.61 -0.73 0.56
C PHE A 133 29.37 -0.51 -0.35
N VAL A 134 28.49 0.40 0.06
CA VAL A 134 27.27 0.71 -0.69
C VAL A 134 27.48 1.86 -1.61
N MET A 135 26.90 1.77 -2.82
CA MET A 135 26.81 2.84 -3.84
C MET A 135 25.34 3.12 -4.20
N TRP A 136 24.83 4.29 -3.89
CA TRP A 136 23.50 4.76 -4.23
C TRP A 136 23.72 5.90 -5.24
N GLY A 137 23.58 5.69 -6.55
CA GLY A 137 23.77 6.72 -7.56
C GLY A 137 22.52 7.58 -7.79
N GLY A 138 22.09 8.41 -6.84
CA GLY A 138 21.04 9.31 -6.75
C GLY A 138 21.01 10.42 -7.76
N ARG A 139 22.17 10.87 -8.24
CA ARG A 139 22.13 11.96 -9.25
C ARG A 139 22.40 11.41 -10.65
N GLU A 140 22.57 10.11 -10.79
CA GLU A 140 22.83 9.45 -12.06
C GLU A 140 21.53 9.33 -12.83
N GLY A 141 21.32 10.11 -13.89
CA GLY A 141 19.99 9.97 -14.57
C GLY A 141 19.67 11.26 -15.29
N SER A 142 18.42 11.62 -15.46
CA SER A 142 18.02 12.81 -16.20
C SER A 142 16.53 13.20 -16.00
N GLU A 143 16.18 14.45 -16.32
CA GLU A 143 14.80 14.89 -16.23
C GLU A 143 14.17 14.78 -17.60
N TYR A 144 15.00 14.89 -18.66
CA TYR A 144 14.73 14.89 -20.08
C TYR A 144 15.46 13.77 -20.83
N ASP A 145 14.73 13.21 -21.80
CA ASP A 145 15.24 12.09 -22.60
C ASP A 145 16.37 12.42 -23.56
N GLY A 146 16.66 13.64 -24.01
CA GLY A 146 17.82 13.77 -24.87
C GLY A 146 19.06 14.24 -24.13
N SER A 147 19.03 14.34 -22.82
CA SER A 147 20.13 14.77 -21.99
C SER A 147 21.33 13.84 -21.89
N LYS A 148 21.17 12.58 -22.13
CA LYS A 148 22.12 11.55 -22.04
C LYS A 148 22.25 10.63 -23.24
N ASP A 149 23.47 10.11 -23.44
CA ASP A 149 23.77 9.08 -24.42
C ASP A 149 23.71 7.91 -23.36
N LEU A 150 22.66 7.16 -23.49
CA LEU A 150 22.32 6.08 -22.61
C LEU A 150 23.21 4.90 -22.62
N ALA A 151 23.88 4.52 -23.74
CA ALA A 151 24.79 3.40 -23.78
C ALA A 151 26.08 3.87 -23.09
N ALA A 152 26.47 5.12 -23.34
CA ALA A 152 27.64 5.75 -22.77
C ALA A 152 27.45 5.95 -21.27
N ALA A 153 26.24 6.23 -20.78
CA ALA A 153 25.96 6.38 -19.32
C ALA A 153 26.26 5.06 -18.66
N LEU A 154 25.86 3.91 -19.18
CA LEU A 154 26.14 2.59 -18.65
C LEU A 154 27.59 2.24 -18.77
N ASP A 155 28.37 2.61 -19.80
CA ASP A 155 29.82 2.35 -19.85
C ASP A 155 30.52 3.13 -18.76
N ARG A 156 30.15 4.41 -18.59
CA ARG A 156 30.69 5.29 -17.55
C ARG A 156 30.45 4.67 -16.16
N MET A 157 29.24 4.18 -15.91
CA MET A 157 28.86 3.51 -14.65
C MET A 157 29.76 2.30 -14.48
N ARG A 158 29.83 1.42 -15.48
CA ARG A 158 30.71 0.26 -15.41
C ARG A 158 32.17 0.65 -15.11
N GLU A 159 32.70 1.67 -15.75
CA GLU A 159 34.08 2.11 -15.53
C GLU A 159 34.32 2.40 -14.07
N GLY A 160 33.49 3.22 -13.45
CA GLY A 160 33.62 3.59 -12.05
C GLY A 160 33.46 2.38 -11.16
N VAL A 161 32.37 1.62 -11.30
CA VAL A 161 32.16 0.44 -10.44
C VAL A 161 33.25 -0.56 -10.63
N ASP A 162 33.80 -0.90 -11.77
CA ASP A 162 34.87 -1.89 -11.91
C ASP A 162 36.22 -1.35 -11.42
N THR A 163 36.52 -0.08 -11.50
CA THR A 163 37.72 0.54 -10.99
C THR A 163 37.76 0.41 -9.46
N ALA A 164 36.62 0.65 -8.80
CA ALA A 164 36.45 0.52 -7.39
C ALA A 164 36.64 -0.90 -6.93
N ALA A 165 36.16 -1.88 -7.68
CA ALA A 165 36.24 -3.32 -7.45
C ALA A 165 37.65 -3.87 -7.63
N GLY A 166 38.31 -3.38 -8.71
CA GLY A 166 39.66 -3.73 -9.05
C GLY A 166 40.52 -3.20 -7.90
N TYR A 167 40.37 -1.94 -7.50
CA TYR A 167 41.14 -1.39 -6.39
C TYR A 167 40.95 -2.25 -5.17
N ILE A 168 39.79 -2.63 -4.72
CA ILE A 168 39.56 -3.49 -3.56
C ILE A 168 40.40 -4.75 -3.61
N LYS A 169 40.31 -5.46 -4.71
CA LYS A 169 40.99 -6.69 -5.01
C LYS A 169 42.48 -6.42 -4.93
N ASP A 170 43.03 -5.44 -5.63
CA ASP A 170 44.44 -5.10 -5.57
C ASP A 170 44.95 -4.81 -4.16
N LYS A 171 44.21 -4.12 -3.33
CA LYS A 171 44.58 -3.79 -1.99
C LYS A 171 44.33 -4.89 -0.99
N GLY A 172 43.67 -5.98 -1.27
CA GLY A 172 43.34 -7.06 -0.40
C GLY A 172 42.32 -6.88 0.72
N TYR A 173 41.47 -5.87 0.57
CA TYR A 173 40.42 -5.51 1.50
C TYR A 173 39.27 -6.49 1.43
N ASN A 174 38.68 -6.77 2.57
CA ASN A 174 37.51 -7.63 2.77
C ASN A 174 36.25 -6.73 2.70
N LEU A 175 35.91 -6.33 1.51
CA LEU A 175 34.86 -5.52 1.07
C LEU A 175 34.29 -6.05 -0.26
N ARG A 176 33.02 -5.99 -0.22
CA ARG A 176 32.04 -6.24 -1.23
C ARG A 176 31.23 -4.93 -1.44
N ILE A 177 30.92 -4.59 -2.68
CA ILE A 177 30.15 -3.47 -3.14
C ILE A 177 28.66 -3.85 -3.31
N ALA A 178 27.84 -2.97 -2.74
CA ALA A 178 26.39 -3.20 -2.83
C ALA A 178 25.80 -1.97 -3.53
N LEU A 179 25.19 -2.21 -4.68
CA LEU A 179 24.52 -1.21 -5.51
C LEU A 179 23.07 -1.05 -4.99
N GLU A 180 22.66 0.20 -4.93
CA GLU A 180 21.31 0.49 -4.47
C GLU A 180 20.43 1.27 -5.48
N PRO A 181 19.40 0.55 -5.97
CA PRO A 181 18.43 1.03 -6.92
C PRO A 181 17.46 1.99 -6.28
N LYS A 182 17.02 2.89 -7.16
CA LYS A 182 16.00 3.94 -6.86
C LYS A 182 15.53 4.36 -8.27
N PRO A 183 14.23 4.37 -8.49
CA PRO A 183 13.63 4.69 -9.78
C PRO A 183 13.61 6.13 -10.17
N ASN A 184 13.43 7.00 -9.22
CA ASN A 184 13.34 8.46 -9.39
C ASN A 184 13.63 9.12 -8.03
N GLU A 185 13.84 10.40 -8.04
CA GLU A 185 14.08 11.36 -6.98
C GLU A 185 15.42 11.25 -6.31
N PRO A 186 16.35 12.23 -6.41
CA PRO A 186 16.14 13.53 -7.02
C PRO A 186 16.01 13.71 -8.48
N ARG A 187 16.47 12.82 -9.28
CA ARG A 187 16.38 12.95 -10.75
C ARG A 187 14.99 12.44 -11.13
N GLY A 188 14.50 12.96 -12.26
CA GLY A 188 13.19 12.49 -12.85
C GLY A 188 13.30 11.02 -13.16
N ASP A 189 14.37 10.42 -13.65
CA ASP A 189 14.54 9.03 -13.98
C ASP A 189 15.97 8.67 -13.50
N ILE A 190 16.10 7.63 -12.73
CA ILE A 190 17.45 7.22 -12.25
C ILE A 190 17.92 5.95 -12.97
N PHE A 191 19.22 5.90 -13.27
CA PHE A 191 19.71 4.70 -13.97
C PHE A 191 19.72 3.56 -13.01
N LEU A 192 19.45 2.37 -13.43
CA LEU A 192 19.38 1.13 -12.62
C LEU A 192 18.31 1.34 -11.57
N PRO A 193 17.06 1.53 -12.01
CA PRO A 193 15.95 1.88 -11.16
C PRO A 193 15.29 0.90 -10.25
N THR A 194 15.42 -0.37 -10.43
CA THR A 194 14.80 -1.42 -9.63
C THR A 194 15.84 -2.47 -9.36
N VAL A 195 15.64 -3.48 -8.55
CA VAL A 195 16.49 -4.63 -8.26
C VAL A 195 16.82 -5.33 -9.56
N GLY A 196 15.84 -5.55 -10.43
CA GLY A 196 16.05 -6.20 -11.68
C GLY A 196 17.15 -5.54 -12.46
N HIS A 197 17.17 -4.28 -12.77
CA HIS A 197 18.19 -3.52 -13.50
C HIS A 197 19.56 -3.56 -12.81
N GLY A 198 19.53 -3.47 -11.46
CA GLY A 198 20.74 -3.59 -10.66
C GLY A 198 21.37 -4.95 -10.96
N LEU A 199 20.61 -6.04 -10.77
CA LEU A 199 21.12 -7.42 -11.01
C LEU A 199 21.60 -7.62 -12.44
N ALA A 200 20.93 -7.10 -13.44
CA ALA A 200 21.33 -7.18 -14.84
C ALA A 200 22.67 -6.54 -15.14
N PHE A 201 22.81 -5.32 -14.56
CA PHE A 201 24.06 -4.52 -14.77
C PHE A 201 25.28 -5.24 -14.26
N ILE A 202 25.18 -5.83 -13.05
CA ILE A 202 26.18 -6.59 -12.38
C ILE A 202 26.74 -7.62 -13.32
N GLU A 203 26.03 -8.40 -14.11
CA GLU A 203 26.47 -9.36 -15.08
C GLU A 203 27.28 -8.86 -16.25
N GLN A 204 27.50 -7.62 -16.51
CA GLN A 204 28.24 -7.00 -17.56
C GLN A 204 29.55 -6.46 -16.99
N LEU A 205 29.72 -6.57 -15.70
CA LEU A 205 30.90 -6.10 -14.99
C LEU A 205 32.10 -7.04 -15.09
N GLU A 206 33.31 -6.43 -15.19
CA GLU A 206 34.54 -7.23 -15.24
C GLU A 206 34.62 -7.95 -13.88
N HIS A 207 34.49 -7.20 -12.78
CA HIS A 207 34.57 -7.79 -11.44
C HIS A 207 33.28 -7.95 -10.70
N GLY A 208 32.26 -8.56 -11.26
CA GLY A 208 30.94 -8.76 -10.70
C GLY A 208 30.84 -9.68 -9.52
N ASP A 209 31.86 -10.49 -9.31
CA ASP A 209 31.93 -11.43 -8.20
C ASP A 209 31.89 -10.75 -6.84
N ILE A 210 32.38 -9.55 -6.67
CA ILE A 210 32.33 -8.89 -5.38
C ILE A 210 31.32 -7.75 -5.43
N VAL A 211 30.42 -7.69 -6.41
CA VAL A 211 29.42 -6.66 -6.58
C VAL A 211 28.04 -7.32 -6.50
N GLY A 212 27.22 -6.79 -5.59
CA GLY A 212 25.86 -7.29 -5.28
C GLY A 212 24.93 -6.12 -5.05
N LEU A 213 23.78 -6.35 -4.48
CA LEU A 213 22.73 -5.36 -4.24
C LEU A 213 22.45 -4.98 -2.78
N ASN A 214 21.82 -3.83 -2.60
CA ASN A 214 21.36 -3.21 -1.36
C ASN A 214 19.98 -2.64 -1.65
N PRO A 215 18.98 -3.50 -1.69
CA PRO A 215 17.59 -3.05 -2.00
C PRO A 215 17.06 -2.30 -0.81
N GLU A 216 16.22 -1.34 -1.09
CA GLU A 216 15.59 -0.58 -0.01
C GLU A 216 14.08 -0.74 -0.19
N THR A 217 13.31 -1.07 0.84
CA THR A 217 11.88 -1.30 0.87
C THR A 217 11.09 -0.23 0.15
N GLY A 218 11.23 1.02 0.51
CA GLY A 218 10.51 2.12 -0.07
C GLY A 218 10.82 2.37 -1.54
N HIS A 219 12.08 2.18 -1.91
CA HIS A 219 12.51 2.38 -3.29
C HIS A 219 11.80 1.41 -4.20
N GLU A 220 11.71 0.11 -3.92
CA GLU A 220 10.94 -0.76 -4.82
C GLU A 220 9.48 -0.40 -4.83
N GLN A 221 8.90 0.06 -3.75
CA GLN A 221 7.50 0.45 -3.67
C GLN A 221 7.22 1.72 -4.40
N MET A 222 8.15 2.60 -4.72
CA MET A 222 8.07 3.80 -5.48
C MET A 222 7.77 3.52 -6.97
N ALA A 223 7.96 2.35 -7.54
CA ALA A 223 7.65 1.81 -8.80
C ALA A 223 6.47 0.83 -8.70
N GLY A 224 5.86 0.67 -7.57
CA GLY A 224 4.77 -0.25 -7.21
C GLY A 224 5.19 -1.72 -7.21
N LEU A 225 6.42 -2.17 -7.03
CA LEU A 225 6.80 -3.57 -7.10
C LEU A 225 6.66 -4.25 -5.75
N ASN A 226 6.71 -5.58 -5.81
CA ASN A 226 6.57 -6.36 -4.54
C ASN A 226 7.96 -6.53 -3.99
N PHE A 227 8.20 -5.86 -2.85
CA PHE A 227 9.57 -5.90 -2.24
C PHE A 227 10.04 -7.30 -1.90
N THR A 228 9.23 -8.15 -1.34
CA THR A 228 9.42 -9.53 -1.03
C THR A 228 9.75 -10.26 -2.33
N HIS A 229 9.06 -10.08 -3.47
CA HIS A 229 9.47 -10.71 -4.72
C HIS A 229 10.84 -10.27 -5.19
N GLY A 230 11.17 -9.00 -5.13
CA GLY A 230 12.46 -8.42 -5.56
C GLY A 230 13.62 -8.96 -4.74
N ILE A 231 13.52 -8.99 -3.40
CA ILE A 231 14.66 -9.53 -2.62
C ILE A 231 14.82 -11.01 -2.82
N ALA A 232 13.78 -11.78 -3.16
CA ALA A 232 13.82 -13.21 -3.43
C ALA A 232 14.56 -13.46 -4.70
N GLN A 233 14.48 -12.62 -5.70
CA GLN A 233 15.28 -12.77 -6.96
C GLN A 233 16.73 -12.45 -6.61
N ALA A 234 16.99 -11.43 -5.79
CA ALA A 234 18.34 -11.07 -5.37
C ALA A 234 18.91 -12.24 -4.62
N LEU A 235 18.24 -12.84 -3.65
CA LEU A 235 18.70 -14.02 -2.92
C LEU A 235 18.99 -15.22 -3.80
N TRP A 236 18.06 -15.51 -4.71
CA TRP A 236 18.07 -16.59 -5.68
C TRP A 236 19.30 -16.43 -6.53
N ALA A 237 19.82 -15.30 -6.93
CA ALA A 237 21.02 -15.03 -7.69
C ALA A 237 22.26 -14.95 -6.81
N GLU A 238 22.08 -15.09 -5.54
CA GLU A 238 23.05 -15.02 -4.43
C GLU A 238 23.62 -13.63 -4.51
N LYS A 239 22.78 -12.58 -4.47
CA LYS A 239 23.37 -11.25 -4.69
C LYS A 239 22.81 -10.29 -3.69
N LEU A 240 22.21 -10.90 -2.63
CA LEU A 240 21.66 -10.04 -1.56
C LEU A 240 22.71 -9.74 -0.50
N PHE A 241 23.52 -8.71 -0.70
CA PHE A 241 24.62 -8.34 0.20
C PHE A 241 24.30 -7.53 1.42
N HIS A 242 23.30 -6.72 1.37
CA HIS A 242 22.86 -5.80 2.40
C HIS A 242 21.40 -5.49 2.11
N ILE A 243 20.68 -4.89 3.03
CA ILE A 243 19.25 -4.55 2.83
C ILE A 243 19.00 -3.28 3.64
N ASP A 244 18.10 -2.43 3.19
CA ASP A 244 17.73 -1.18 3.86
C ASP A 244 16.21 -1.34 4.15
N LEU A 245 15.78 -1.30 5.40
CA LEU A 245 14.38 -1.42 5.75
C LEU A 245 13.82 -0.09 6.21
N ASN A 246 12.62 0.25 5.88
CA ASN A 246 11.86 1.46 6.18
C ASN A 246 10.41 1.22 5.64
N GLY A 247 9.60 2.26 5.69
CA GLY A 247 8.20 2.11 5.20
C GLY A 247 7.96 3.25 4.20
N GLN A 248 7.05 2.92 3.31
CA GLN A 248 6.53 3.69 2.18
C GLN A 248 5.04 3.46 2.09
N ARG A 249 4.29 4.58 2.04
CA ARG A 249 2.84 4.43 1.89
C ARG A 249 2.45 4.88 0.45
N GLY A 250 2.69 4.09 -0.59
CA GLY A 250 2.38 4.33 -1.96
C GLY A 250 3.46 4.89 -2.84
N ILE A 251 3.10 5.13 -4.08
CA ILE A 251 3.88 5.71 -5.16
C ILE A 251 3.91 7.21 -5.00
N LYS A 252 5.02 7.72 -4.49
CA LYS A 252 5.14 9.17 -4.23
C LYS A 252 6.60 9.37 -3.84
N TYR A 253 6.92 10.51 -3.30
CA TYR A 253 8.27 10.91 -2.83
C TYR A 253 8.74 9.85 -1.83
N ASP A 254 10.00 9.72 -1.62
CA ASP A 254 10.63 8.73 -0.65
C ASP A 254 10.32 9.20 0.77
N GLN A 255 9.46 8.49 1.45
CA GLN A 255 8.96 8.77 2.76
C GLN A 255 9.93 8.40 3.84
N ASP A 256 10.62 7.23 3.70
CA ASP A 256 11.57 6.80 4.70
C ASP A 256 10.98 6.72 6.09
N LEU A 257 9.81 6.13 6.25
CA LEU A 257 9.04 5.96 7.44
C LEU A 257 9.69 4.81 8.18
N VAL A 258 9.30 4.62 9.41
CA VAL A 258 9.86 3.46 10.19
C VAL A 258 9.46 2.15 9.54
N PHE A 259 10.35 1.18 9.62
CA PHE A 259 9.97 -0.15 9.08
C PHE A 259 8.73 -0.60 9.84
N GLY A 260 7.74 -1.00 9.06
CA GLY A 260 6.43 -1.50 9.47
C GLY A 260 5.34 -0.45 9.46
N HIS A 261 5.70 0.84 9.33
CA HIS A 261 4.83 1.98 9.28
C HIS A 261 4.31 2.29 7.89
N GLY A 262 4.59 1.55 6.87
CA GLY A 262 4.14 1.62 5.50
C GLY A 262 3.24 0.45 5.16
N ASP A 263 3.62 -0.38 4.22
CA ASP A 263 2.80 -1.57 3.87
C ASP A 263 3.14 -2.70 4.86
N LEU A 264 2.23 -2.98 5.76
CA LEU A 264 2.29 -3.89 6.88
C LEU A 264 2.36 -5.32 6.52
N THR A 265 1.49 -5.86 5.73
CA THR A 265 1.51 -7.24 5.27
C THR A 265 2.76 -7.49 4.46
N SER A 266 3.17 -6.55 3.58
CA SER A 266 4.44 -6.72 2.82
C SER A 266 5.56 -6.77 3.84
N ALA A 267 5.72 -5.98 4.87
CA ALA A 267 6.72 -6.06 5.94
C ALA A 267 6.68 -7.41 6.65
N PHE A 268 5.53 -7.99 6.98
CA PHE A 268 5.31 -9.28 7.56
C PHE A 268 6.01 -10.36 6.74
N PHE A 269 5.72 -10.45 5.46
CA PHE A 269 6.24 -11.37 4.50
C PHE A 269 7.69 -11.09 4.19
N THR A 270 8.30 -9.95 4.32
CA THR A 270 9.75 -9.68 4.12
C THR A 270 10.45 -10.27 5.33
N VAL A 271 9.93 -9.94 6.55
CA VAL A 271 10.47 -10.50 7.79
C VAL A 271 10.41 -12.05 7.67
N ASP A 272 9.34 -12.69 7.27
CA ASP A 272 9.24 -14.15 7.08
C ASP A 272 10.32 -14.73 6.19
N LEU A 273 10.58 -14.06 5.07
CA LEU A 273 11.61 -14.35 4.11
C LEU A 273 12.94 -14.11 4.82
N LEU A 274 13.22 -13.06 5.57
CA LEU A 274 14.55 -12.91 6.19
C LEU A 274 14.82 -13.97 7.25
N GLU A 275 13.87 -14.25 8.06
CA GLU A 275 13.85 -15.20 9.15
C GLU A 275 13.57 -16.62 8.77
N ASN A 276 12.50 -17.00 8.14
CA ASN A 276 12.26 -18.38 7.80
C ASN A 276 12.92 -18.82 6.51
N GLY A 277 13.44 -18.02 5.61
CA GLY A 277 14.01 -18.54 4.38
C GLY A 277 12.87 -19.00 3.48
N PHE A 278 13.19 -19.73 2.42
CA PHE A 278 12.19 -20.25 1.47
C PHE A 278 11.60 -21.52 1.99
N PRO A 279 10.28 -21.71 1.82
CA PRO A 279 9.56 -22.92 2.20
C PRO A 279 10.21 -24.20 1.73
N ASN A 280 10.84 -24.37 0.56
CA ASN A 280 11.44 -25.59 0.13
C ASN A 280 12.94 -25.48 0.36
N GLY A 281 13.44 -24.45 1.04
CA GLY A 281 14.91 -24.44 1.23
C GLY A 281 15.56 -23.57 0.21
N GLY A 282 16.77 -23.19 0.45
CA GLY A 282 17.45 -22.24 -0.54
C GLY A 282 18.34 -21.38 0.36
N PRO A 283 18.98 -20.40 -0.27
CA PRO A 283 19.88 -19.50 0.43
C PRO A 283 19.15 -18.69 1.45
N LYS A 284 19.84 -18.12 2.41
CA LYS A 284 19.25 -17.32 3.51
C LYS A 284 20.05 -16.04 3.66
N TYR A 285 19.42 -14.96 4.08
CA TYR A 285 20.20 -13.73 4.23
C TYR A 285 20.80 -13.62 5.63
N THR A 286 22.11 -13.39 5.67
CA THR A 286 22.67 -13.27 7.02
C THR A 286 23.30 -11.97 7.34
N GLY A 287 23.29 -10.89 6.63
CA GLY A 287 23.87 -9.62 7.05
C GLY A 287 23.03 -8.81 8.04
N PRO A 288 23.48 -7.55 8.11
CA PRO A 288 22.83 -6.61 9.00
C PRO A 288 21.39 -6.35 8.53
N ARG A 289 20.56 -6.06 9.48
CA ARG A 289 19.18 -5.63 9.32
C ARG A 289 19.33 -4.10 9.54
N HIS A 290 19.57 -3.34 8.48
CA HIS A 290 19.84 -1.91 8.58
C HIS A 290 18.63 -1.08 8.33
N PHE A 291 18.37 -0.04 9.07
CA PHE A 291 17.23 0.82 8.84
C PHE A 291 17.63 2.18 8.27
N ASP A 292 17.12 2.51 7.06
CA ASP A 292 17.39 3.83 6.42
C ASP A 292 16.01 4.54 6.36
N TYR A 293 15.67 5.26 7.42
CA TYR A 293 14.41 5.96 7.62
C TYR A 293 14.80 7.31 8.15
N LYS A 294 13.85 8.16 8.29
CA LYS A 294 13.90 9.48 8.80
C LYS A 294 12.76 9.69 9.83
N PRO A 295 13.21 10.18 10.99
CA PRO A 295 12.24 10.49 12.07
C PRO A 295 11.35 11.62 11.52
N SER A 296 10.06 11.49 11.41
CA SER A 296 9.24 12.59 10.89
C SER A 296 9.66 13.94 11.43
N ARG A 297 9.74 14.99 10.62
CA ARG A 297 10.09 16.34 11.09
C ARG A 297 9.21 17.07 12.09
N THR A 298 8.03 16.63 12.40
CA THR A 298 7.00 17.05 13.31
C THR A 298 7.46 16.81 14.76
N ASP A 299 8.24 15.80 15.03
CA ASP A 299 8.78 15.24 16.23
C ASP A 299 10.11 15.85 16.65
N GLY A 300 10.13 16.01 17.96
CA GLY A 300 11.34 16.59 18.58
C GLY A 300 12.24 15.43 18.92
N TYR A 301 13.34 15.66 19.64
CA TYR A 301 14.29 14.63 20.00
C TYR A 301 13.78 13.44 20.76
N ASP A 302 12.73 13.50 21.56
CA ASP A 302 12.18 12.31 22.21
C ASP A 302 11.58 11.42 21.11
N GLY A 303 10.99 12.00 20.07
CA GLY A 303 10.51 11.35 18.87
C GLY A 303 11.62 10.58 18.13
N VAL A 304 12.80 11.14 18.01
CA VAL A 304 13.97 10.53 17.34
C VAL A 304 14.31 9.23 18.00
N TRP A 305 14.42 9.22 19.34
CA TRP A 305 14.84 7.91 20.00
C TRP A 305 13.67 6.96 20.02
N ASP A 306 12.47 7.44 20.11
CA ASP A 306 11.27 6.64 20.00
C ASP A 306 11.20 5.90 18.66
N SER A 307 11.42 6.58 17.55
CA SER A 307 11.39 6.08 16.18
C SER A 307 12.48 5.07 15.88
N ALA A 308 13.68 5.32 16.45
CA ALA A 308 14.83 4.42 16.37
C ALA A 308 14.43 3.08 16.99
N LYS A 309 13.77 3.18 18.14
CA LYS A 309 13.26 2.09 18.98
C LYS A 309 12.14 1.35 18.29
N ALA A 310 11.19 2.12 17.69
CA ALA A 310 10.04 1.57 16.93
C ALA A 310 10.52 0.67 15.80
N ASN A 311 11.58 1.01 15.09
CA ASN A 311 12.13 0.17 14.06
C ASN A 311 12.43 -1.25 14.56
N MET A 312 13.20 -1.39 15.64
CA MET A 312 13.58 -2.66 16.27
C MET A 312 12.37 -3.34 16.91
N SER A 313 11.43 -2.66 17.50
CA SER A 313 10.25 -3.36 18.04
C SER A 313 9.39 -3.97 16.89
N MET A 314 9.09 -3.18 15.87
CA MET A 314 8.34 -3.60 14.69
C MET A 314 8.93 -4.89 14.13
N TYR A 315 10.23 -4.83 13.82
CA TYR A 315 10.95 -6.00 13.36
C TYR A 315 10.80 -7.17 14.31
N LEU A 316 11.06 -7.01 15.62
CA LEU A 316 10.91 -8.14 16.60
C LEU A 316 9.49 -8.66 16.67
N LEU A 317 8.49 -7.77 16.73
CA LEU A 317 7.10 -8.17 16.71
C LEU A 317 6.71 -8.96 15.47
N LEU A 318 7.19 -8.56 14.26
CA LEU A 318 6.87 -9.27 13.02
C LEU A 318 7.54 -10.61 12.99
N LYS A 319 8.74 -10.69 13.53
CA LYS A 319 9.50 -11.92 13.64
C LYS A 319 8.79 -12.96 14.52
N GLU A 320 8.27 -12.51 15.67
CA GLU A 320 7.52 -13.41 16.60
C GLU A 320 6.36 -14.01 15.85
N ARG A 321 5.52 -13.22 15.22
CA ARG A 321 4.37 -13.63 14.41
C ARG A 321 4.69 -14.53 13.23
N ALA A 322 5.73 -14.16 12.45
CA ALA A 322 6.21 -14.91 11.33
C ALA A 322 6.73 -16.28 11.72
N LEU A 323 7.35 -16.43 12.89
CA LEU A 323 7.86 -17.70 13.43
C LEU A 323 6.66 -18.57 13.89
N ALA A 324 5.70 -17.99 14.53
CA ALA A 324 4.48 -18.65 14.96
C ALA A 324 3.66 -19.15 13.79
N PHE A 325 3.54 -18.31 12.76
CA PHE A 325 2.83 -18.56 11.53
C PHE A 325 3.34 -19.83 10.90
N ARG A 326 4.62 -19.93 10.59
CA ARG A 326 5.17 -21.13 9.98
C ARG A 326 5.20 -22.35 10.87
N ALA A 327 5.25 -22.25 12.18
CA ALA A 327 5.24 -23.34 13.14
C ALA A 327 3.83 -23.88 13.32
N ASP A 328 2.77 -23.20 12.97
CA ASP A 328 1.39 -23.63 13.06
C ASP A 328 1.08 -24.75 12.08
N PRO A 329 0.61 -25.85 12.67
CA PRO A 329 0.24 -27.07 11.93
C PRO A 329 -0.82 -26.88 10.86
N GLU A 330 -1.82 -26.05 11.18
CA GLU A 330 -2.93 -25.58 10.36
C GLU A 330 -2.34 -24.88 9.13
N VAL A 331 -1.35 -24.00 9.31
CA VAL A 331 -0.66 -23.30 8.26
C VAL A 331 0.09 -24.27 7.34
N GLN A 332 0.81 -25.22 7.86
CA GLN A 332 1.57 -26.22 7.11
C GLN A 332 0.66 -27.08 6.24
N GLU A 333 -0.52 -27.45 6.77
CA GLU A 333 -1.55 -28.21 6.07
C GLU A 333 -2.08 -27.39 4.88
N ALA A 334 -2.40 -26.10 5.07
CA ALA A 334 -2.85 -25.17 4.05
C ALA A 334 -1.86 -25.00 2.92
N MET A 335 -0.55 -24.95 3.18
CA MET A 335 0.58 -24.82 2.30
C MET A 335 0.78 -26.01 1.35
N LYS A 336 0.48 -27.17 1.90
CA LYS A 336 0.56 -28.47 1.26
C LYS A 336 -0.60 -28.53 0.29
N THR A 337 -1.84 -28.24 0.69
CA THR A 337 -3.04 -28.21 -0.11
C THR A 337 -2.97 -27.28 -1.33
N SER A 338 -2.43 -26.10 -1.13
CA SER A 338 -2.18 -25.04 -2.07
C SER A 338 -0.99 -25.39 -2.98
N GLY A 339 -0.24 -26.42 -2.78
CA GLY A 339 0.83 -26.80 -3.62
C GLY A 339 2.10 -26.03 -3.45
N VAL A 340 2.32 -25.45 -2.28
CA VAL A 340 3.58 -24.73 -2.00
C VAL A 340 4.73 -25.69 -1.98
N PHE A 341 4.61 -26.93 -1.53
CA PHE A 341 5.80 -27.87 -1.60
C PHE A 341 5.85 -28.49 -2.96
N GLU A 342 4.76 -28.71 -3.72
CA GLU A 342 4.76 -29.22 -5.08
C GLU A 342 5.56 -28.33 -6.05
N LEU A 343 5.54 -27.01 -5.85
CA LEU A 343 6.37 -26.16 -6.66
C LEU A 343 7.83 -26.55 -6.66
N GLY A 344 8.43 -27.04 -5.59
CA GLY A 344 9.78 -27.49 -5.41
C GLY A 344 10.10 -28.74 -6.17
N GLU A 345 9.20 -29.57 -6.65
CA GLU A 345 9.49 -30.77 -7.42
C GLU A 345 9.80 -30.35 -8.85
N THR A 346 10.86 -30.80 -9.48
CA THR A 346 11.19 -30.46 -10.85
C THR A 346 10.01 -30.99 -11.71
N THR A 347 9.74 -30.28 -12.77
CA THR A 347 8.66 -30.54 -13.72
C THR A 347 8.99 -31.83 -14.44
N LEU A 348 10.20 -31.93 -14.95
CA LEU A 348 10.63 -33.15 -15.60
C LEU A 348 11.08 -34.20 -14.56
N ASN A 349 11.09 -35.44 -15.00
CA ASN A 349 11.60 -36.64 -14.36
C ASN A 349 13.10 -36.66 -14.64
N ALA A 350 13.80 -37.35 -13.77
CA ALA A 350 15.30 -37.51 -13.85
C ALA A 350 15.63 -38.13 -15.18
N GLY A 351 16.55 -37.54 -15.86
CA GLY A 351 16.93 -37.98 -17.20
C GLY A 351 15.66 -38.16 -18.07
N GLU A 352 14.81 -37.17 -18.26
CA GLU A 352 13.63 -37.11 -19.09
C GLU A 352 14.07 -35.94 -19.97
N SER A 353 14.07 -36.09 -21.26
CA SER A 353 14.49 -34.91 -22.10
C SER A 353 13.20 -34.27 -22.64
N ALA A 354 13.38 -33.21 -23.39
CA ALA A 354 12.36 -32.45 -24.11
C ALA A 354 11.57 -33.42 -24.99
N ALA A 355 12.27 -34.13 -25.88
CA ALA A 355 11.64 -35.13 -26.76
C ALA A 355 10.86 -36.16 -25.99
N ASP A 356 11.41 -36.73 -24.92
CA ASP A 356 10.72 -37.69 -24.04
C ASP A 356 9.38 -37.20 -23.51
N LEU A 357 9.26 -35.91 -23.12
CA LEU A 357 8.13 -35.22 -22.64
C LEU A 357 7.11 -34.98 -23.75
N MET A 358 7.51 -34.49 -24.89
CA MET A 358 6.57 -34.19 -26.00
C MET A 358 5.73 -35.40 -26.49
N ASN A 359 6.40 -36.50 -26.53
CA ASN A 359 6.04 -37.84 -26.79
C ASN A 359 5.27 -38.41 -25.60
N ASP A 360 5.51 -38.08 -24.33
CA ASP A 360 4.64 -38.61 -23.25
C ASP A 360 3.20 -38.17 -23.48
N SER A 361 2.33 -39.05 -23.87
CA SER A 361 0.91 -38.91 -24.15
C SER A 361 0.03 -38.40 -23.01
N ALA A 362 0.44 -38.80 -21.83
CA ALA A 362 -0.18 -38.47 -20.57
C ALA A 362 -0.08 -36.98 -20.24
N SER A 363 1.07 -36.38 -20.54
CA SER A 363 1.32 -34.98 -20.29
C SER A 363 0.78 -33.98 -21.29
N PHE A 364 0.50 -34.44 -22.50
CA PHE A 364 0.06 -33.60 -23.60
C PHE A 364 -1.18 -34.08 -24.28
N ALA A 365 -1.08 -34.90 -25.29
CA ALA A 365 -2.12 -35.49 -26.10
C ALA A 365 -3.30 -36.01 -25.31
N GLY A 366 -3.11 -36.76 -24.24
CA GLY A 366 -4.31 -37.23 -23.52
C GLY A 366 -4.38 -36.55 -22.17
N PHE A 367 -3.85 -35.36 -22.04
CA PHE A 367 -3.95 -34.70 -20.71
C PHE A 367 -5.36 -34.14 -20.61
N ASP A 368 -5.99 -34.39 -19.48
CA ASP A 368 -7.31 -33.83 -19.25
C ASP A 368 -7.28 -32.46 -18.53
N ALA A 369 -7.11 -31.42 -19.34
CA ALA A 369 -7.05 -29.99 -19.00
C ALA A 369 -8.25 -29.49 -18.22
N GLU A 370 -9.42 -29.88 -18.67
CA GLU A 370 -10.67 -29.49 -17.99
C GLU A 370 -10.63 -30.16 -16.63
N ALA A 371 -10.26 -31.41 -16.42
CA ALA A 371 -10.23 -31.97 -15.07
C ALA A 371 -9.14 -31.32 -14.22
N ALA A 372 -7.94 -31.07 -14.79
CA ALA A 372 -6.83 -30.44 -14.04
C ALA A 372 -7.19 -29.09 -13.52
N ALA A 373 -8.02 -28.30 -14.26
CA ALA A 373 -8.49 -26.99 -13.95
C ALA A 373 -9.44 -26.94 -12.80
N GLU A 374 -9.92 -28.05 -12.31
CA GLU A 374 -10.89 -28.05 -11.21
C GLU A 374 -10.17 -27.85 -9.88
N ARG A 375 -8.88 -28.10 -9.73
CA ARG A 375 -8.21 -27.87 -8.47
C ARG A 375 -8.55 -26.54 -7.79
N ASN A 376 -8.87 -26.68 -6.52
CA ASN A 376 -9.11 -25.56 -5.65
C ASN A 376 -7.72 -25.28 -4.99
N PHE A 377 -6.99 -24.31 -5.49
CA PHE A 377 -5.70 -23.91 -4.92
C PHE A 377 -5.98 -23.30 -3.54
N ALA A 378 -7.08 -22.72 -3.10
CA ALA A 378 -7.30 -22.20 -1.79
C ALA A 378 -6.23 -21.25 -1.33
N PHE A 379 -5.90 -20.27 -2.15
CA PHE A 379 -4.90 -19.25 -1.82
C PHE A 379 -5.48 -18.24 -0.85
N ILE A 380 -6.78 -18.02 -0.93
CA ILE A 380 -7.52 -17.05 -0.10
C ILE A 380 -7.45 -17.46 1.37
N ARG A 381 -7.78 -18.73 1.65
CA ARG A 381 -7.71 -19.33 2.98
C ARG A 381 -6.25 -19.28 3.49
N LEU A 382 -5.24 -19.63 2.78
CA LEU A 382 -3.83 -19.50 3.19
C LEU A 382 -3.52 -18.05 3.50
N ASN A 383 -3.98 -17.04 2.77
CA ASN A 383 -3.69 -15.65 3.06
C ASN A 383 -4.39 -15.21 4.32
N GLN A 384 -5.58 -15.69 4.56
CA GLN A 384 -6.41 -15.42 5.75
C GLN A 384 -5.66 -15.89 7.00
N LEU A 385 -5.14 -17.13 6.90
CA LEU A 385 -4.34 -17.67 8.01
C LEU A 385 -3.15 -16.73 8.22
N ALA A 386 -2.37 -16.30 7.23
CA ALA A 386 -1.25 -15.38 7.42
C ALA A 386 -1.71 -14.13 8.15
N ILE A 387 -2.75 -13.46 7.69
CA ILE A 387 -3.22 -12.24 8.36
C ILE A 387 -3.65 -12.51 9.79
N GLU A 388 -4.36 -13.56 10.14
CA GLU A 388 -4.72 -13.93 11.51
C GLU A 388 -3.45 -14.15 12.34
N HIS A 389 -2.37 -14.71 11.90
CA HIS A 389 -1.13 -14.79 12.61
C HIS A 389 -0.59 -13.38 12.77
N LEU A 390 -0.50 -12.50 11.81
CA LEU A 390 -0.09 -11.11 11.91
C LEU A 390 -0.86 -10.25 12.91
N LEU A 391 -2.15 -10.38 13.13
CA LEU A 391 -2.99 -9.66 14.01
C LEU A 391 -3.01 -10.28 15.40
N GLY A 392 -2.35 -11.37 15.58
CA GLY A 392 -2.16 -12.22 16.69
C GLY A 392 -3.47 -12.71 17.18
N SER A 393 -4.34 -13.20 16.34
CA SER A 393 -5.66 -13.66 16.80
C SER A 393 -5.63 -15.17 16.86
N ARG A 394 -4.54 -15.73 16.51
CA ARG A 394 -4.01 -17.03 16.47
C ARG A 394 -2.53 -16.80 17.00
N VAL B 2 -14.61 -13.86 16.61
CA VAL B 2 -15.46 -13.34 15.55
C VAL B 2 -16.90 -13.70 15.84
N GLN B 3 -17.56 -14.32 14.95
CA GLN B 3 -18.88 -14.76 14.69
C GLN B 3 -19.84 -13.58 14.42
N PRO B 4 -20.06 -13.42 13.09
CA PRO B 4 -20.97 -12.34 12.65
C PRO B 4 -22.39 -12.73 12.92
N THR B 5 -23.27 -11.77 13.03
CA THR B 5 -24.69 -11.91 13.19
C THR B 5 -25.36 -10.75 12.48
N PRO B 6 -26.62 -10.93 12.03
CA PRO B 6 -27.46 -9.88 11.45
C PRO B 6 -27.37 -8.57 12.13
N ALA B 7 -27.09 -8.26 13.41
CA ALA B 7 -27.02 -6.86 13.81
C ALA B 7 -25.75 -6.18 13.38
N ASP B 8 -24.72 -6.85 12.88
CA ASP B 8 -23.50 -6.32 12.33
C ASP B 8 -23.70 -5.57 11.02
N HIS B 9 -24.76 -5.86 10.31
CA HIS B 9 -25.24 -5.30 9.07
C HIS B 9 -24.28 -5.56 7.89
N PHE B 10 -23.76 -6.73 7.78
CA PHE B 10 -22.90 -7.18 6.70
C PHE B 10 -23.81 -7.64 5.53
N THR B 11 -23.64 -6.90 4.42
CA THR B 11 -24.34 -7.09 3.15
C THR B 11 -23.28 -7.47 2.11
N PHE B 12 -23.66 -8.27 1.11
CA PHE B 12 -22.85 -8.83 0.04
C PHE B 12 -23.59 -8.71 -1.29
N GLY B 13 -22.91 -8.40 -2.40
CA GLY B 13 -23.68 -8.31 -3.64
C GLY B 13 -23.73 -9.72 -4.22
N LEU B 14 -24.76 -9.94 -5.06
CA LEU B 14 -24.93 -11.22 -5.74
C LEU B 14 -23.81 -11.53 -6.72
N TRP B 15 -23.23 -10.55 -7.37
CA TRP B 15 -22.10 -10.61 -8.32
C TRP B 15 -20.76 -10.81 -7.63
N THR B 16 -20.66 -10.72 -6.30
CA THR B 16 -19.33 -10.90 -5.67
C THR B 16 -19.08 -12.37 -5.61
N VAL B 17 -19.92 -13.08 -4.83
CA VAL B 17 -19.76 -14.55 -4.66
C VAL B 17 -20.10 -15.30 -5.94
N GLY B 18 -20.99 -14.74 -6.75
CA GLY B 18 -21.41 -15.18 -8.04
C GLY B 18 -20.33 -14.93 -9.09
N TRP B 19 -19.24 -14.19 -8.96
CA TRP B 19 -18.19 -13.92 -9.91
C TRP B 19 -17.42 -15.24 -10.22
N THR B 20 -17.61 -15.58 -11.46
CA THR B 20 -17.11 -16.84 -12.09
C THR B 20 -15.73 -16.89 -12.59
N GLY B 21 -14.95 -15.78 -12.59
CA GLY B 21 -13.58 -15.78 -12.99
C GLY B 21 -13.12 -15.27 -14.30
N ALA B 22 -14.03 -14.70 -15.08
CA ALA B 22 -13.54 -14.19 -16.40
C ALA B 22 -12.92 -12.85 -16.15
N ASP B 23 -11.71 -12.75 -16.57
CA ASP B 23 -10.93 -11.46 -16.42
C ASP B 23 -10.60 -11.14 -17.88
N PRO B 24 -9.71 -10.15 -18.07
CA PRO B 24 -9.35 -9.75 -19.45
C PRO B 24 -8.58 -10.82 -20.16
N PHE B 25 -7.75 -11.67 -19.54
CA PHE B 25 -6.94 -12.65 -20.21
C PHE B 25 -7.48 -14.04 -20.11
N GLY B 26 -8.71 -14.26 -19.72
CA GLY B 26 -9.29 -15.57 -19.57
C GLY B 26 -10.75 -15.76 -19.26
N VAL B 27 -11.12 -17.04 -19.43
CA VAL B 27 -12.53 -17.45 -19.22
C VAL B 27 -12.76 -17.79 -17.75
N ALA B 28 -14.03 -17.90 -17.44
CA ALA B 28 -14.52 -18.24 -16.10
C ALA B 28 -13.88 -19.55 -15.69
N THR B 29 -13.62 -19.62 -14.36
CA THR B 29 -12.95 -20.84 -13.85
C THR B 29 -13.92 -21.58 -12.92
N ARG B 30 -15.11 -21.09 -12.76
CA ARG B 30 -16.14 -21.61 -11.92
C ARG B 30 -17.48 -21.53 -12.68
N LYS B 31 -18.37 -22.40 -12.29
CA LYS B 31 -19.72 -22.65 -12.73
C LYS B 31 -20.62 -21.53 -12.22
N ASN B 32 -21.64 -21.13 -12.95
CA ASN B 32 -22.56 -20.06 -12.53
C ASN B 32 -23.16 -20.32 -11.17
N LEU B 33 -23.39 -19.35 -10.37
CA LEU B 33 -23.98 -19.61 -9.05
C LEU B 33 -25.48 -19.29 -9.05
N ASP B 34 -26.33 -20.18 -8.60
CA ASP B 34 -27.78 -19.88 -8.56
C ASP B 34 -28.01 -18.89 -7.45
N PRO B 35 -28.83 -17.88 -7.73
CA PRO B 35 -29.22 -16.84 -6.80
C PRO B 35 -30.01 -17.35 -5.63
N VAL B 36 -30.86 -18.36 -5.76
CA VAL B 36 -31.57 -18.88 -4.56
C VAL B 36 -30.53 -19.58 -3.65
N GLU B 37 -29.59 -20.29 -4.17
CA GLU B 37 -28.48 -20.91 -3.49
C GLU B 37 -27.60 -19.91 -2.76
N ALA B 38 -27.34 -18.75 -3.37
CA ALA B 38 -26.60 -17.59 -2.95
C ALA B 38 -27.26 -17.06 -1.70
N VAL B 39 -28.59 -16.89 -1.73
CA VAL B 39 -29.34 -16.41 -0.58
C VAL B 39 -29.21 -17.34 0.63
N HIS B 40 -29.41 -18.62 0.41
CA HIS B 40 -29.34 -19.64 1.41
C HIS B 40 -27.94 -19.67 1.99
N LYS B 41 -26.91 -19.83 1.18
CA LYS B 41 -25.55 -19.80 1.71
C LYS B 41 -25.22 -18.53 2.48
N LEU B 42 -25.50 -17.32 2.05
CA LEU B 42 -25.20 -16.09 2.72
C LEU B 42 -25.85 -15.99 4.07
N ALA B 43 -27.15 -16.33 4.11
CA ALA B 43 -27.95 -16.33 5.38
C ALA B 43 -27.31 -17.36 6.30
N GLU B 44 -26.91 -18.57 5.88
CA GLU B 44 -26.23 -19.49 6.73
C GLU B 44 -24.94 -18.90 7.27
N LEU B 45 -24.16 -18.07 6.59
CA LEU B 45 -22.94 -17.48 7.13
C LEU B 45 -23.15 -16.31 8.08
N GLY B 46 -24.31 -15.74 8.24
CA GLY B 46 -24.46 -14.58 9.10
C GLY B 46 -24.64 -13.27 8.39
N ALA B 47 -24.84 -13.19 7.10
CA ALA B 47 -25.09 -11.88 6.44
C ALA B 47 -26.47 -11.36 6.84
N TYR B 48 -26.60 -10.09 6.71
CA TYR B 48 -27.84 -9.42 7.03
C TYR B 48 -28.75 -9.20 5.83
N GLY B 49 -28.08 -9.02 4.67
CA GLY B 49 -28.79 -8.72 3.43
C GLY B 49 -27.99 -8.96 2.21
N ILE B 50 -28.55 -8.86 1.04
CA ILE B 50 -27.89 -9.12 -0.27
C ILE B 50 -28.35 -7.96 -1.14
N THR B 51 -27.50 -7.57 -2.08
CA THR B 51 -27.75 -6.49 -3.06
C THR B 51 -27.60 -7.08 -4.44
N PHE B 52 -28.02 -6.43 -5.49
CA PHE B 52 -27.85 -6.98 -6.86
C PHE B 52 -28.04 -5.86 -7.86
N HIS B 53 -27.55 -6.18 -9.02
CA HIS B 53 -27.67 -5.39 -10.25
C HIS B 53 -28.86 -6.13 -10.96
N ASP B 54 -29.72 -5.37 -11.58
CA ASP B 54 -30.91 -5.88 -12.33
C ASP B 54 -30.58 -7.11 -13.11
N ASN B 55 -29.56 -7.06 -14.01
CA ASN B 55 -29.11 -8.17 -14.87
C ASN B 55 -28.39 -9.26 -14.13
N ASP B 56 -28.04 -9.16 -12.85
CA ASP B 56 -27.46 -10.13 -11.97
C ASP B 56 -28.63 -11.13 -11.73
N LEU B 57 -29.81 -10.62 -11.52
CA LEU B 57 -30.98 -11.51 -11.32
C LEU B 57 -31.73 -11.74 -12.61
N ILE B 58 -32.13 -10.69 -13.36
CA ILE B 58 -32.94 -10.85 -14.57
C ILE B 58 -32.15 -10.59 -15.82
N PRO B 59 -32.04 -11.63 -16.62
CA PRO B 59 -31.25 -11.54 -17.86
C PRO B 59 -31.65 -10.36 -18.65
N PHE B 60 -30.82 -9.67 -19.41
CA PHE B 60 -31.13 -8.52 -20.26
C PHE B 60 -32.33 -8.72 -21.21
N ASP B 61 -32.57 -9.83 -21.75
CA ASP B 61 -33.36 -10.59 -22.57
C ASP B 61 -34.58 -11.33 -22.02
N ALA B 62 -34.70 -11.52 -20.73
CA ALA B 62 -35.85 -12.20 -20.16
C ALA B 62 -37.18 -11.60 -20.66
N THR B 63 -38.11 -12.50 -20.86
CA THR B 63 -39.46 -12.05 -21.24
C THR B 63 -40.12 -11.64 -19.92
N GLU B 64 -41.31 -11.09 -19.97
CA GLU B 64 -42.07 -10.71 -18.77
C GLU B 64 -42.40 -11.89 -17.86
N ALA B 65 -42.72 -13.00 -18.46
CA ALA B 65 -43.03 -14.25 -17.79
C ALA B 65 -41.79 -14.70 -17.03
N GLU B 66 -40.60 -14.72 -17.64
CA GLU B 66 -39.34 -15.12 -16.97
C GLU B 66 -39.01 -14.20 -15.80
N ARG B 67 -39.24 -12.90 -15.90
CA ARG B 67 -38.95 -12.00 -14.78
C ARG B 67 -39.75 -12.41 -13.54
N GLU B 68 -41.02 -12.65 -13.73
CA GLU B 68 -41.92 -13.08 -12.63
C GLU B 68 -41.59 -14.41 -12.12
N LYS B 69 -41.19 -15.39 -12.89
CA LYS B 69 -40.73 -16.72 -12.40
C LYS B 69 -39.48 -16.45 -11.52
N ILE B 70 -38.47 -15.77 -12.08
CA ILE B 70 -37.24 -15.46 -11.37
C ILE B 70 -37.54 -14.72 -10.06
N LEU B 71 -38.25 -13.63 -10.07
CA LEU B 71 -38.59 -12.91 -8.86
C LEU B 71 -39.34 -13.68 -7.81
N GLY B 72 -40.24 -14.58 -8.16
CA GLY B 72 -41.02 -15.39 -7.27
C GLY B 72 -40.09 -16.26 -6.41
N ASP B 73 -39.18 -16.97 -7.01
CA ASP B 73 -38.21 -17.80 -6.33
C ASP B 73 -37.24 -16.97 -5.46
N PHE B 74 -36.92 -15.79 -5.98
CA PHE B 74 -36.05 -14.86 -5.33
C PHE B 74 -36.79 -14.37 -4.11
N ASN B 75 -38.00 -13.86 -4.21
CA ASN B 75 -38.70 -13.43 -3.01
C ASN B 75 -39.02 -14.47 -1.93
N GLN B 76 -39.22 -15.72 -2.24
CA GLN B 76 -39.48 -16.84 -1.39
C GLN B 76 -38.25 -17.17 -0.54
N ALA B 77 -37.08 -17.25 -1.15
CA ALA B 77 -35.76 -17.50 -0.58
C ALA B 77 -35.43 -16.49 0.50
N LEU B 78 -35.72 -15.21 0.20
CA LEU B 78 -35.54 -14.07 1.04
C LEU B 78 -36.47 -14.33 2.23
N LYS B 79 -37.73 -14.67 1.90
CA LYS B 79 -38.75 -14.97 2.94
C LYS B 79 -38.24 -16.13 3.77
N ASP B 80 -37.98 -17.25 3.20
CA ASP B 80 -37.43 -18.39 3.91
C ASP B 80 -36.24 -18.08 4.79
N THR B 81 -35.34 -17.20 4.48
CA THR B 81 -34.13 -16.89 5.20
C THR B 81 -34.21 -15.64 6.03
N GLY B 82 -35.02 -14.66 5.72
CA GLY B 82 -34.97 -13.43 6.48
C GLY B 82 -33.95 -12.43 5.90
N LEU B 83 -33.24 -12.61 4.77
CA LEU B 83 -32.33 -11.61 4.26
C LEU B 83 -33.09 -10.36 3.76
N LYS B 84 -32.57 -9.17 4.04
CA LYS B 84 -33.19 -7.93 3.54
C LYS B 84 -32.43 -7.70 2.19
N VAL B 85 -32.89 -6.73 1.43
CA VAL B 85 -32.35 -6.22 0.18
C VAL B 85 -32.19 -4.72 0.42
N PRO B 86 -31.07 -4.33 1.03
CA PRO B 86 -30.83 -2.93 1.34
C PRO B 86 -30.44 -2.06 0.20
N MET B 87 -29.86 -2.60 -0.85
CA MET B 87 -29.46 -1.69 -1.97
C MET B 87 -29.68 -2.41 -3.27
N VAL B 88 -30.04 -1.63 -4.30
CA VAL B 88 -30.24 -2.22 -5.65
C VAL B 88 -29.42 -1.33 -6.61
N THR B 89 -28.91 -1.91 -7.68
CA THR B 89 -28.19 -1.11 -8.67
C THR B 89 -28.53 -1.61 -10.07
N THR B 90 -28.17 -0.81 -11.08
CA THR B 90 -28.44 -1.11 -12.47
C THR B 90 -27.21 -1.41 -13.26
N ASN B 91 -27.23 -2.37 -14.15
CA ASN B 91 -26.06 -2.63 -15.02
C ASN B 91 -26.12 -1.69 -16.26
N LEU B 92 -25.25 -0.73 -16.37
CA LEU B 92 -25.14 0.17 -17.51
C LEU B 92 -23.68 0.10 -18.08
N PHE B 93 -23.13 -1.10 -18.07
CA PHE B 93 -21.79 -1.26 -18.56
C PHE B 93 -21.56 -2.56 -19.30
N SER B 94 -22.35 -3.60 -19.14
CA SER B 94 -21.90 -4.85 -19.86
C SER B 94 -22.36 -5.08 -21.29
N HIS B 95 -23.59 -4.76 -21.57
CA HIS B 95 -24.12 -4.98 -22.91
C HIS B 95 -23.36 -4.09 -23.84
N PRO B 96 -23.07 -4.52 -25.07
CA PRO B 96 -22.37 -3.68 -26.07
C PRO B 96 -22.99 -2.33 -26.32
N VAL B 97 -24.25 -1.97 -26.09
CA VAL B 97 -24.81 -0.71 -26.32
C VAL B 97 -24.29 0.42 -25.47
N PHE B 98 -23.76 0.10 -24.31
CA PHE B 98 -23.19 0.95 -23.29
C PHE B 98 -21.70 1.11 -23.51
N LYS B 99 -21.16 0.89 -24.71
CA LYS B 99 -19.73 1.05 -24.95
C LYS B 99 -19.27 2.49 -24.83
N ASP B 100 -19.99 3.54 -24.85
CA ASP B 100 -19.59 4.93 -24.67
C ASP B 100 -20.31 5.52 -23.46
N GLY B 101 -21.03 4.64 -22.73
CA GLY B 101 -21.75 5.04 -21.52
C GLY B 101 -23.24 4.82 -21.60
N GLY B 102 -23.84 5.19 -20.53
CA GLY B 102 -25.33 5.10 -20.39
C GLY B 102 -25.70 6.59 -20.48
N PHE B 103 -25.84 7.31 -19.38
CA PHE B 103 -26.18 8.68 -19.26
C PHE B 103 -25.38 9.70 -20.07
N THR B 104 -24.08 9.43 -20.28
CA THR B 104 -23.20 10.34 -21.01
C THR B 104 -22.74 9.78 -22.37
N SER B 105 -23.42 8.77 -22.84
CA SER B 105 -23.25 8.24 -24.13
C SER B 105 -23.33 9.37 -25.17
N ASN B 106 -22.44 9.36 -26.17
CA ASN B 106 -22.54 10.42 -27.23
C ASN B 106 -23.85 10.28 -28.02
N ASP B 107 -24.38 9.12 -28.25
CA ASP B 107 -25.60 8.75 -28.87
C ASP B 107 -26.79 9.05 -27.95
N ARG B 108 -27.63 9.97 -28.40
CA ARG B 108 -28.83 10.39 -27.70
C ARG B 108 -29.83 9.27 -27.44
N SER B 109 -30.01 8.36 -28.37
CA SER B 109 -30.97 7.27 -28.23
C SER B 109 -30.51 6.25 -27.22
N ILE B 110 -29.21 6.12 -26.99
CA ILE B 110 -28.61 5.23 -25.99
C ILE B 110 -28.82 5.94 -24.62
N ARG B 111 -28.69 7.29 -24.62
CA ARG B 111 -28.91 8.02 -23.36
C ARG B 111 -30.30 7.82 -22.78
N ARG B 112 -31.33 7.85 -23.62
CA ARG B 112 -32.75 7.63 -23.31
C ARG B 112 -32.98 6.18 -22.88
N PHE B 113 -32.35 5.23 -23.62
CA PHE B 113 -32.46 3.82 -23.28
C PHE B 113 -31.82 3.63 -21.88
N ALA B 114 -30.65 4.20 -21.56
CA ALA B 114 -30.11 4.06 -20.18
C ALA B 114 -30.96 4.64 -19.05
N LEU B 115 -31.52 5.81 -19.29
CA LEU B 115 -32.40 6.53 -18.34
C LEU B 115 -33.65 5.68 -18.12
N ALA B 116 -34.29 5.13 -19.14
CA ALA B 116 -35.49 4.26 -19.00
C ALA B 116 -35.12 2.98 -18.29
N LYS B 117 -33.99 2.33 -18.50
CA LYS B 117 -33.51 1.17 -17.77
C LYS B 117 -33.42 1.54 -16.25
N VAL B 118 -32.91 2.70 -15.86
CA VAL B 118 -32.81 3.20 -14.52
C VAL B 118 -34.19 3.44 -13.87
N LEU B 119 -35.07 4.13 -14.57
CA LEU B 119 -36.42 4.42 -14.06
C LEU B 119 -37.12 3.15 -13.68
N HIS B 120 -37.19 2.13 -14.48
CA HIS B 120 -37.83 0.86 -14.17
C HIS B 120 -37.21 0.16 -13.01
N ASN B 121 -35.87 0.20 -12.89
CA ASN B 121 -35.06 -0.38 -11.80
C ASN B 121 -35.36 0.35 -10.50
N ILE B 122 -35.64 1.64 -10.50
CA ILE B 122 -36.09 2.35 -9.31
C ILE B 122 -37.41 1.72 -8.80
N ASP B 123 -38.35 1.36 -9.67
CA ASP B 123 -39.60 0.70 -9.31
C ASP B 123 -39.31 -0.63 -8.66
N LEU B 124 -38.46 -1.47 -9.19
CA LEU B 124 -38.08 -2.74 -8.57
C LEU B 124 -37.38 -2.48 -7.26
N ALA B 125 -36.53 -1.45 -7.13
CA ALA B 125 -35.82 -1.11 -5.90
C ALA B 125 -36.80 -0.88 -4.74
N ALA B 126 -37.80 -0.05 -4.96
CA ALA B 126 -38.89 0.28 -4.04
C ALA B 126 -39.64 -0.99 -3.67
N GLU B 127 -40.07 -1.81 -4.61
CA GLU B 127 -40.73 -3.12 -4.39
C GLU B 127 -39.89 -4.02 -3.50
N MET B 128 -38.56 -4.06 -3.56
CA MET B 128 -37.69 -4.89 -2.72
C MET B 128 -37.51 -4.33 -1.33
N GLY B 129 -37.79 -3.10 -1.02
CA GLY B 129 -37.54 -2.52 0.27
C GLY B 129 -36.15 -1.94 0.41
N ALA B 130 -35.40 -1.73 -0.64
CA ALA B 130 -34.07 -1.14 -0.68
C ALA B 130 -34.24 0.31 -0.20
N GLU B 131 -33.27 0.82 0.50
CA GLU B 131 -33.23 2.19 0.98
C GLU B 131 -32.25 3.01 0.14
N THR B 132 -31.32 2.37 -0.55
CA THR B 132 -30.31 2.97 -1.37
C THR B 132 -30.29 2.36 -2.79
N PHE B 133 -30.17 3.32 -3.68
CA PHE B 133 -30.07 3.00 -5.14
C PHE B 133 -28.68 3.45 -5.59
N VAL B 134 -27.84 2.57 -5.94
CA VAL B 134 -26.46 2.92 -6.32
C VAL B 134 -26.37 3.09 -7.83
N MET B 135 -25.51 4.05 -8.17
CA MET B 135 -25.10 4.40 -9.52
C MET B 135 -23.59 4.35 -9.75
N TRP B 136 -23.09 3.33 -10.42
CA TRP B 136 -21.65 3.28 -10.76
C TRP B 136 -21.54 3.54 -12.27
N GLY B 137 -21.07 4.66 -12.73
CA GLY B 137 -20.94 5.07 -14.12
C GLY B 137 -19.60 4.65 -14.68
N GLY B 138 -19.40 3.40 -14.81
CA GLY B 138 -18.27 2.70 -15.26
C GLY B 138 -17.92 2.92 -16.71
N ARG B 139 -18.90 3.16 -17.59
CA ARG B 139 -18.52 3.45 -18.98
C ARG B 139 -18.62 4.96 -19.22
N GLU B 140 -18.88 5.79 -18.26
CA GLU B 140 -18.90 7.24 -18.50
C GLU B 140 -17.49 7.78 -18.49
N GLY B 141 -16.96 8.07 -19.69
CA GLY B 141 -15.61 8.63 -19.81
C GLY B 141 -15.06 8.56 -21.18
N SER B 142 -13.75 8.42 -21.33
CA SER B 142 -13.02 8.39 -22.62
C SER B 142 -11.62 7.83 -22.50
N GLU B 143 -11.06 7.49 -23.63
CA GLU B 143 -9.69 7.03 -23.73
C GLU B 143 -8.88 8.18 -24.24
N TYR B 144 -9.53 9.05 -25.05
CA TYR B 144 -8.98 10.21 -25.78
C TYR B 144 -9.54 11.47 -25.31
N ASP B 145 -8.77 12.52 -25.12
CA ASP B 145 -9.34 13.78 -24.59
C ASP B 145 -10.29 14.48 -25.53
N GLY B 146 -10.23 14.29 -26.85
CA GLY B 146 -11.22 15.05 -27.64
C GLY B 146 -12.44 14.29 -27.99
N SER B 147 -12.72 13.15 -27.38
CA SER B 147 -13.86 12.28 -27.63
C SER B 147 -15.17 12.87 -27.15
N LYS B 148 -15.14 13.82 -26.23
CA LYS B 148 -16.19 14.47 -25.56
C LYS B 148 -16.10 15.96 -25.40
N ASP B 149 -17.27 16.52 -25.26
CA ASP B 149 -17.44 17.94 -24.88
C ASP B 149 -17.60 17.72 -23.33
N LEU B 150 -16.55 18.12 -22.63
CA LEU B 150 -16.47 17.90 -21.17
C LEU B 150 -17.56 18.58 -20.41
N ALA B 151 -18.00 19.79 -20.72
CA ALA B 151 -19.12 20.48 -20.09
C ALA B 151 -20.45 19.79 -20.40
N ALA B 152 -20.64 19.37 -21.65
CA ALA B 152 -21.85 18.69 -22.09
C ALA B 152 -22.01 17.38 -21.40
N ALA B 153 -20.89 16.63 -21.24
CA ALA B 153 -20.90 15.36 -20.53
C ALA B 153 -21.42 15.52 -19.09
N LEU B 154 -21.08 16.57 -18.34
CA LEU B 154 -21.51 16.87 -17.00
C LEU B 154 -22.96 17.31 -17.04
N ASP B 155 -23.45 18.07 -18.05
CA ASP B 155 -24.90 18.39 -18.16
C ASP B 155 -25.73 17.11 -18.36
N ARG B 156 -25.28 16.17 -19.20
CA ARG B 156 -25.90 14.87 -19.46
C ARG B 156 -25.81 14.04 -18.19
N MET B 157 -24.74 14.04 -17.40
CA MET B 157 -24.78 13.29 -16.11
C MET B 157 -25.84 13.90 -15.19
N ARG B 158 -25.89 15.21 -15.02
CA ARG B 158 -26.86 15.89 -14.19
C ARG B 158 -28.30 15.61 -14.62
N GLU B 159 -28.54 15.64 -15.95
CA GLU B 159 -29.95 15.36 -16.37
C GLU B 159 -30.35 13.96 -15.98
N GLY B 160 -29.52 12.93 -16.14
CA GLY B 160 -29.96 11.62 -15.76
C GLY B 160 -30.25 11.51 -14.29
N VAL B 161 -29.25 11.89 -13.44
CA VAL B 161 -29.33 11.81 -11.99
C VAL B 161 -30.53 12.60 -11.47
N ASP B 162 -30.73 13.82 -11.98
CA ASP B 162 -31.88 14.66 -11.49
C ASP B 162 -33.19 14.11 -12.00
N THR B 163 -33.27 13.48 -13.16
CA THR B 163 -34.52 12.89 -13.62
C THR B 163 -34.85 11.75 -12.69
N ALA B 164 -33.90 10.84 -12.42
CA ALA B 164 -34.10 9.74 -11.52
C ALA B 164 -34.46 10.17 -10.10
N ALA B 165 -33.93 11.20 -9.52
CA ALA B 165 -34.17 11.75 -8.20
C ALA B 165 -35.57 12.30 -8.07
N GLY B 166 -35.92 13.09 -9.09
CA GLY B 166 -37.28 13.67 -9.17
C GLY B 166 -38.30 12.56 -9.29
N TYR B 167 -38.03 11.47 -10.00
CA TYR B 167 -38.94 10.35 -10.11
C TYR B 167 -39.11 9.75 -8.71
N ILE B 168 -38.06 9.47 -7.94
CA ILE B 168 -38.19 9.00 -6.56
C ILE B 168 -39.12 9.91 -5.73
N LYS B 169 -38.78 11.18 -5.74
CA LYS B 169 -39.54 12.23 -5.03
C LYS B 169 -41.00 12.18 -5.47
N ASP B 170 -41.29 12.19 -6.77
CA ASP B 170 -42.62 12.11 -7.35
C ASP B 170 -43.43 10.92 -6.91
N LYS B 171 -42.91 9.75 -6.76
CA LYS B 171 -43.57 8.55 -6.37
C LYS B 171 -43.56 8.24 -4.90
N GLY B 172 -42.90 9.10 -4.15
CA GLY B 172 -42.68 9.00 -2.71
C GLY B 172 -41.90 7.75 -2.31
N TYR B 173 -40.94 7.25 -3.09
CA TYR B 173 -40.25 6.05 -2.65
C TYR B 173 -39.37 6.49 -1.50
N ASN B 174 -39.07 5.60 -0.61
CA ASN B 174 -38.18 5.83 0.55
C ASN B 174 -36.79 5.30 0.16
N LEU B 175 -36.11 5.95 -0.79
CA LEU B 175 -34.88 5.79 -1.45
C LEU B 175 -34.02 7.03 -1.62
N ARG B 176 -32.74 6.86 -1.61
CA ARG B 176 -31.67 7.79 -1.85
C ARG B 176 -30.76 7.26 -2.93
N ILE B 177 -30.21 8.15 -3.74
CA ILE B 177 -29.22 7.73 -4.77
C ILE B 177 -27.78 7.88 -4.21
N ALA B 178 -26.94 6.94 -4.49
CA ALA B 178 -25.57 7.01 -4.04
C ALA B 178 -24.64 6.82 -5.23
N LEU B 179 -23.91 7.83 -5.61
CA LEU B 179 -22.94 7.69 -6.70
C LEU B 179 -21.61 7.06 -6.22
N GLU B 180 -21.12 6.19 -7.06
CA GLU B 180 -19.89 5.48 -6.90
C GLU B 180 -18.80 5.85 -7.90
N PRO B 181 -17.83 6.60 -7.34
CA PRO B 181 -16.63 7.04 -8.08
C PRO B 181 -15.64 5.89 -8.33
N LYS B 182 -14.87 6.11 -9.41
CA LYS B 182 -13.83 5.23 -9.89
C LYS B 182 -12.99 6.05 -10.87
N PRO B 183 -11.65 6.05 -10.71
CA PRO B 183 -10.78 6.89 -11.56
C PRO B 183 -10.62 6.44 -12.98
N ASN B 184 -10.53 5.15 -13.22
CA ASN B 184 -10.37 4.55 -14.56
C ASN B 184 -10.86 3.12 -14.47
N GLU B 185 -10.84 2.41 -15.58
CA GLU B 185 -11.20 0.99 -15.72
C GLU B 185 -12.69 0.68 -15.48
N PRO B 186 -13.49 0.44 -16.55
CA PRO B 186 -13.01 0.24 -17.91
C PRO B 186 -12.65 1.29 -18.93
N ARG B 187 -13.03 2.53 -18.69
CA ARG B 187 -12.69 3.68 -19.54
C ARG B 187 -11.28 4.13 -19.10
N GLY B 188 -10.58 4.80 -20.04
CA GLY B 188 -9.21 5.25 -19.69
C GLY B 188 -9.31 6.27 -18.57
N ASP B 189 -10.25 7.17 -18.48
CA ASP B 189 -10.60 8.21 -17.57
C ASP B 189 -12.14 8.17 -17.35
N ILE B 190 -12.59 8.01 -16.12
CA ILE B 190 -14.03 7.97 -15.81
C ILE B 190 -14.41 9.34 -15.24
N PHE B 191 -15.57 9.84 -15.58
CA PHE B 191 -16.07 11.10 -15.05
C PHE B 191 -16.34 10.91 -13.56
N LEU B 192 -16.17 11.89 -12.67
CA LEU B 192 -16.31 11.80 -11.21
C LEU B 192 -15.34 10.74 -10.70
N PRO B 193 -14.02 10.93 -10.96
CA PRO B 193 -13.05 9.92 -10.61
C PRO B 193 -12.83 9.66 -9.18
N THR B 194 -13.04 10.50 -8.20
CA THR B 194 -12.74 10.27 -6.81
C THR B 194 -13.92 10.71 -5.96
N VAL B 195 -13.78 10.53 -4.66
CA VAL B 195 -14.80 10.96 -3.69
C VAL B 195 -15.06 12.47 -3.87
N GLY B 196 -14.01 13.29 -3.92
CA GLY B 196 -14.10 14.72 -4.05
C GLY B 196 -14.95 15.15 -5.24
N HIS B 197 -14.71 14.66 -6.46
CA HIS B 197 -15.37 14.94 -7.69
C HIS B 197 -16.83 14.62 -7.59
N GLY B 198 -17.20 13.49 -7.03
CA GLY B 198 -18.61 13.07 -6.82
C GLY B 198 -19.27 14.01 -5.82
N LEU B 199 -18.67 14.44 -4.73
CA LEU B 199 -19.22 15.31 -3.76
C LEU B 199 -19.53 16.70 -4.38
N ALA B 200 -18.62 17.24 -5.16
CA ALA B 200 -18.72 18.53 -5.80
C ALA B 200 -19.88 18.49 -6.77
N PHE B 201 -19.97 17.49 -7.61
CA PHE B 201 -20.99 17.23 -8.60
C PHE B 201 -22.39 17.26 -7.98
N ILE B 202 -22.63 16.58 -6.83
CA ILE B 202 -23.91 16.59 -6.14
C ILE B 202 -24.34 17.98 -5.81
N GLU B 203 -23.52 18.97 -5.48
CA GLU B 203 -23.92 20.32 -5.15
C GLU B 203 -24.38 21.10 -6.33
N GLN B 204 -24.42 20.69 -7.57
CA GLN B 204 -24.83 21.28 -8.78
C GLN B 204 -26.17 20.66 -9.24
N LEU B 205 -26.69 19.73 -8.51
CA LEU B 205 -27.92 19.08 -8.82
C LEU B 205 -29.06 19.92 -8.28
N GLU B 206 -30.20 19.64 -8.83
CA GLU B 206 -31.48 20.29 -8.46
C GLU B 206 -31.99 19.50 -7.27
N HIS B 207 -31.92 18.16 -7.35
CA HIS B 207 -32.39 17.30 -6.26
C HIS B 207 -31.30 16.65 -5.43
N GLY B 208 -30.26 17.38 -5.12
CA GLY B 208 -29.06 17.08 -4.38
C GLY B 208 -29.27 16.53 -3.02
N ASP B 209 -30.34 16.89 -2.34
CA ASP B 209 -30.82 16.53 -1.04
C ASP B 209 -30.99 15.03 -0.88
N ILE B 210 -31.31 14.28 -1.93
CA ILE B 210 -31.45 12.84 -1.80
C ILE B 210 -30.35 12.11 -2.52
N VAL B 211 -29.27 12.77 -2.88
CA VAL B 211 -28.11 12.22 -3.59
C VAL B 211 -26.85 12.30 -2.69
N GLY B 212 -26.15 11.20 -2.56
CA GLY B 212 -24.95 11.12 -1.69
C GLY B 212 -23.93 10.19 -2.31
N LEU B 213 -22.99 9.64 -1.58
CA LEU B 213 -21.98 8.80 -2.21
C LEU B 213 -21.92 7.34 -1.72
N ASN B 214 -21.25 6.50 -2.49
CA ASN B 214 -20.97 5.12 -2.26
C ASN B 214 -19.45 4.89 -2.56
N PRO B 215 -18.57 5.35 -1.67
CA PRO B 215 -17.12 5.22 -1.87
C PRO B 215 -16.69 3.77 -1.86
N GLU B 216 -15.63 3.38 -2.56
CA GLU B 216 -15.20 2.00 -2.49
C GLU B 216 -13.70 2.01 -2.22
N THR B 217 -13.19 1.30 -1.20
CA THR B 217 -11.81 1.22 -0.77
C THR B 217 -10.82 1.18 -1.92
N GLY B 218 -10.81 0.17 -2.77
CA GLY B 218 -9.95 -0.02 -3.93
C GLY B 218 -9.94 1.10 -4.94
N HIS B 219 -11.13 1.66 -5.19
CA HIS B 219 -11.27 2.79 -6.11
C HIS B 219 -10.48 3.98 -5.68
N GLU B 220 -10.59 4.51 -4.47
CA GLU B 220 -9.71 5.66 -4.13
C GLU B 220 -8.28 5.24 -4.11
N GLN B 221 -7.85 4.02 -3.76
CA GLN B 221 -6.48 3.56 -3.75
C GLN B 221 -5.89 3.48 -5.13
N MET B 222 -6.66 3.31 -6.20
CA MET B 222 -6.23 3.35 -7.62
C MET B 222 -5.78 4.78 -8.00
N ALA B 223 -6.08 5.87 -7.31
CA ALA B 223 -5.58 7.20 -7.49
C ALA B 223 -4.52 7.50 -6.43
N GLY B 224 -4.16 6.54 -5.57
CA GLY B 224 -3.22 6.61 -4.47
C GLY B 224 -3.67 7.47 -3.31
N LEU B 225 -4.98 7.67 -3.15
CA LEU B 225 -5.56 8.52 -2.15
C LEU B 225 -5.73 7.79 -0.79
N ASN B 226 -5.96 8.59 0.27
CA ASN B 226 -6.15 8.00 1.61
C ASN B 226 -7.65 7.74 1.77
N PHE B 227 -8.01 6.46 1.82
CA PHE B 227 -9.43 6.10 1.91
C PHE B 227 -10.09 6.67 3.11
N THR B 228 -9.45 6.58 4.29
CA THR B 228 -9.99 7.17 5.54
C THR B 228 -10.15 8.64 5.48
N HIS B 229 -9.18 9.32 4.88
CA HIS B 229 -9.35 10.77 4.63
C HIS B 229 -10.56 11.12 3.78
N GLY B 230 -10.75 10.41 2.69
CA GLY B 230 -11.87 10.60 1.75
C GLY B 230 -13.22 10.28 2.31
N ILE B 231 -13.39 9.18 3.06
CA ILE B 231 -14.72 8.90 3.69
C ILE B 231 -15.00 9.86 4.83
N ALA B 232 -13.93 10.33 5.51
CA ALA B 232 -14.04 11.34 6.55
C ALA B 232 -14.72 12.59 5.97
N GLN B 233 -14.29 13.06 4.79
CA GLN B 233 -14.82 14.24 4.07
C GLN B 233 -16.27 14.01 3.60
N ALA B 234 -16.54 12.76 3.18
CA ALA B 234 -17.91 12.38 2.77
C ALA B 234 -18.78 12.47 4.03
N LEU B 235 -18.29 11.85 5.12
CA LEU B 235 -19.00 11.86 6.41
C LEU B 235 -19.28 13.25 6.97
N TRP B 236 -18.23 14.09 7.00
CA TRP B 236 -18.21 15.46 7.42
C TRP B 236 -19.31 16.23 6.66
N ALA B 237 -19.46 16.03 5.35
CA ALA B 237 -20.47 16.65 4.50
C ALA B 237 -21.83 16.02 4.66
N GLU B 238 -22.02 14.92 5.36
CA GLU B 238 -23.30 14.24 5.62
C GLU B 238 -23.79 13.59 4.34
N LYS B 239 -22.79 13.04 3.61
CA LYS B 239 -23.05 12.47 2.31
C LYS B 239 -22.67 11.07 2.21
N LEU B 240 -22.19 10.41 3.25
CA LEU B 240 -21.82 9.01 3.25
C LEU B 240 -23.04 8.13 3.39
N PHE B 241 -23.67 7.79 2.28
CA PHE B 241 -24.89 6.98 2.25
C PHE B 241 -24.70 5.51 2.22
N HIS B 242 -23.59 5.01 1.74
CA HIS B 242 -23.40 3.53 1.70
C HIS B 242 -21.89 3.43 1.59
N ILE B 243 -21.34 2.22 1.64
CA ILE B 243 -19.90 2.04 1.50
C ILE B 243 -19.61 0.64 0.91
N ASP B 244 -18.54 0.57 0.12
CA ASP B 244 -18.14 -0.68 -0.48
C ASP B 244 -16.76 -0.95 0.14
N LEU B 245 -16.56 -2.05 0.84
CA LEU B 245 -15.32 -2.50 1.46
C LEU B 245 -14.66 -3.69 0.73
N ASN B 246 -13.36 -3.60 0.53
CA ASN B 246 -12.57 -4.63 -0.15
C ASN B 246 -11.08 -4.22 0.00
N GLY B 247 -10.26 -4.88 -0.77
CA GLY B 247 -8.81 -4.63 -0.73
C GLY B 247 -8.18 -4.48 -2.10
N GLN B 248 -7.15 -3.66 -2.09
CA GLN B 248 -6.39 -3.29 -3.29
C GLN B 248 -4.93 -3.25 -2.87
N ARG B 249 -4.01 -3.75 -3.62
CA ARG B 249 -2.63 -3.62 -3.19
C ARG B 249 -2.02 -2.66 -4.18
N GLY B 250 -2.04 -1.39 -4.20
CA GLY B 250 -1.41 -0.51 -5.15
C GLY B 250 -2.27 -0.04 -6.29
N ILE B 251 -1.60 0.85 -7.04
CA ILE B 251 -2.15 1.49 -8.27
C ILE B 251 -1.98 0.52 -9.41
N LYS B 252 -3.08 -0.12 -9.75
CA LYS B 252 -3.17 -1.11 -10.83
C LYS B 252 -4.64 -1.37 -11.08
N TYR B 253 -4.98 -2.40 -11.80
CA TYR B 253 -6.34 -2.79 -12.15
C TYR B 253 -7.13 -2.97 -10.86
N ASP B 254 -8.44 -2.81 -10.94
CA ASP B 254 -9.29 -3.03 -9.69
C ASP B 254 -9.15 -4.50 -9.29
N GLN B 255 -8.52 -4.75 -8.14
CA GLN B 255 -8.36 -6.13 -7.67
C GLN B 255 -9.58 -6.72 -6.95
N ASP B 256 -10.33 -6.01 -6.13
CA ASP B 256 -11.46 -6.52 -5.36
C ASP B 256 -11.13 -7.69 -4.46
N LEU B 257 -10.05 -7.62 -3.70
CA LEU B 257 -9.60 -8.64 -2.76
C LEU B 257 -10.54 -8.51 -1.55
N VAL B 258 -10.38 -9.48 -0.64
CA VAL B 258 -11.25 -9.36 0.60
C VAL B 258 -10.86 -8.13 1.40
N PHE B 259 -11.81 -7.57 2.15
CA PHE B 259 -11.48 -6.42 3.01
C PHE B 259 -10.36 -6.83 3.96
N GLY B 260 -9.27 -6.08 4.03
CA GLY B 260 -8.15 -6.46 4.94
C GLY B 260 -7.03 -7.15 4.27
N HIS B 261 -7.13 -7.67 3.05
CA HIS B 261 -6.11 -8.33 2.26
C HIS B 261 -5.37 -7.38 1.31
N GLY B 262 -5.56 -6.11 1.38
CA GLY B 262 -4.95 -5.00 0.75
C GLY B 262 -4.07 -4.24 1.80
N ASP B 263 -4.26 -2.95 1.87
CA ASP B 263 -3.57 -2.05 2.78
C ASP B 263 -4.23 -2.24 4.17
N LEU B 264 -3.53 -3.06 4.96
CA LEU B 264 -3.98 -3.45 6.32
C LEU B 264 -4.10 -2.35 7.33
N THR B 265 -3.07 -1.55 7.49
CA THR B 265 -3.13 -0.41 8.41
C THR B 265 -4.25 0.52 8.06
N SER B 266 -4.46 0.83 6.77
CA SER B 266 -5.57 1.69 6.31
C SER B 266 -6.93 1.09 6.58
N ALA B 267 -7.08 -0.22 6.45
CA ALA B 267 -8.31 -0.97 6.75
C ALA B 267 -8.64 -0.80 8.26
N PHE B 268 -7.61 -0.89 9.12
CA PHE B 268 -7.75 -0.66 10.56
C PHE B 268 -8.42 0.66 10.90
N PHE B 269 -7.92 1.76 10.39
CA PHE B 269 -8.32 3.15 10.52
C PHE B 269 -9.64 3.40 9.86
N THR B 270 -9.97 2.72 8.79
CA THR B 270 -11.28 2.75 8.15
C THR B 270 -12.23 2.10 9.19
N VAL B 271 -11.95 0.94 9.75
CA VAL B 271 -12.85 0.36 10.81
C VAL B 271 -12.89 1.29 12.02
N ASP B 272 -11.83 1.89 12.52
CA ASP B 272 -11.89 2.83 13.60
C ASP B 272 -12.88 3.92 13.24
N LEU B 273 -12.92 4.60 12.10
CA LEU B 273 -13.89 5.64 11.76
C LEU B 273 -15.30 5.10 11.68
N LEU B 274 -15.54 3.92 11.09
CA LEU B 274 -16.93 3.43 10.97
C LEU B 274 -17.53 3.09 12.34
N GLU B 275 -16.78 2.37 13.11
CA GLU B 275 -17.11 1.95 14.43
C GLU B 275 -17.05 3.04 15.47
N ASN B 276 -15.99 3.74 15.71
CA ASN B 276 -15.74 4.75 16.68
C ASN B 276 -16.04 6.14 16.17
N GLY B 277 -16.03 6.44 14.88
CA GLY B 277 -16.39 7.88 14.57
C GLY B 277 -15.22 8.76 14.86
N PHE B 278 -15.45 10.01 15.25
CA PHE B 278 -14.30 10.93 15.50
C PHE B 278 -13.89 11.16 16.91
N PRO B 279 -12.60 11.31 17.29
CA PRO B 279 -12.10 11.59 18.63
C PRO B 279 -12.76 12.65 19.47
N ASN B 280 -13.16 13.77 18.95
CA ASN B 280 -13.80 14.90 19.49
C ASN B 280 -15.30 14.76 19.23
N GLY B 281 -15.84 13.75 18.59
CA GLY B 281 -17.34 13.74 18.45
C GLY B 281 -17.70 14.39 17.13
N GLY B 282 -18.80 13.98 16.57
CA GLY B 282 -19.31 14.51 15.27
C GLY B 282 -20.21 13.40 14.70
N PRO B 283 -20.26 13.36 13.38
CA PRO B 283 -21.10 12.41 12.65
C PRO B 283 -20.65 10.99 12.71
N LYS B 284 -21.55 10.05 12.47
CA LYS B 284 -21.31 8.64 12.54
C LYS B 284 -21.99 7.99 11.30
N TYR B 285 -21.37 6.97 10.75
CA TYR B 285 -21.96 6.27 9.61
C TYR B 285 -22.70 5.09 10.27
N THR B 286 -23.96 4.94 9.97
CA THR B 286 -24.72 3.85 10.59
C THR B 286 -25.46 2.98 9.62
N GLY B 287 -25.00 2.95 8.37
CA GLY B 287 -25.68 2.13 7.35
C GLY B 287 -25.06 0.78 7.33
N PRO B 288 -25.32 0.03 6.29
CA PRO B 288 -24.72 -1.30 6.16
C PRO B 288 -23.25 -1.23 5.74
N ARG B 289 -22.61 -2.35 6.07
CA ARG B 289 -21.21 -2.63 5.79
C ARG B 289 -21.28 -3.66 4.67
N HIS B 290 -21.21 -3.11 3.46
CA HIS B 290 -21.26 -3.88 2.20
C HIS B 290 -19.89 -4.25 1.69
N PHE B 291 -19.80 -5.52 1.29
CA PHE B 291 -18.56 -6.04 0.74
C PHE B 291 -18.66 -6.19 -0.79
N ASP B 292 -17.94 -5.35 -1.50
CA ASP B 292 -17.87 -5.42 -3.00
C ASP B 292 -16.48 -5.99 -3.39
N TYR B 293 -16.30 -7.26 -3.44
CA TYR B 293 -15.08 -7.97 -3.73
C TYR B 293 -15.34 -9.13 -4.68
N LYS B 294 -14.24 -9.80 -5.07
CA LYS B 294 -14.36 -10.94 -5.94
C LYS B 294 -13.38 -12.02 -5.45
N PRO B 295 -13.91 -13.23 -5.26
CA PRO B 295 -13.10 -14.35 -4.84
C PRO B 295 -12.11 -14.71 -5.95
N SER B 296 -10.85 -14.81 -5.67
CA SER B 296 -9.75 -15.15 -6.58
C SER B 296 -10.10 -16.36 -7.39
N ARG B 297 -9.86 -16.18 -8.70
CA ARG B 297 -10.16 -17.16 -9.77
C ARG B 297 -9.37 -18.46 -9.67
N THR B 298 -8.25 -18.54 -8.97
CA THR B 298 -7.50 -19.70 -8.71
C THR B 298 -8.21 -20.67 -7.77
N ASP B 299 -9.12 -20.37 -6.93
CA ASP B 299 -9.83 -21.13 -5.97
C ASP B 299 -11.23 -21.55 -6.41
N GLY B 300 -11.63 -22.71 -5.88
CA GLY B 300 -12.95 -23.30 -6.14
C GLY B 300 -14.00 -22.67 -5.28
N TYR B 301 -15.19 -23.32 -5.28
CA TYR B 301 -16.36 -22.91 -4.50
C TYR B 301 -16.19 -22.90 -3.01
N ASP B 302 -15.33 -23.74 -2.46
CA ASP B 302 -14.97 -23.74 -1.02
C ASP B 302 -14.23 -22.45 -0.72
N GLY B 303 -13.44 -21.90 -1.63
CA GLY B 303 -12.79 -20.62 -1.56
C GLY B 303 -13.81 -19.46 -1.64
N VAL B 304 -14.84 -19.58 -2.43
CA VAL B 304 -15.91 -18.57 -2.55
C VAL B 304 -16.46 -18.41 -1.15
N TRP B 305 -17.02 -19.38 -0.48
CA TRP B 305 -17.56 -19.31 0.88
C TRP B 305 -16.51 -19.02 1.95
N ASP B 306 -15.27 -19.42 1.76
CA ASP B 306 -14.17 -19.12 2.66
C ASP B 306 -13.93 -17.60 2.66
N SER B 307 -13.87 -17.09 1.43
CA SER B 307 -13.67 -15.68 1.10
C SER B 307 -14.78 -14.86 1.67
N ALA B 308 -16.04 -15.25 1.57
CA ALA B 308 -17.19 -14.53 2.17
C ALA B 308 -17.09 -14.47 3.71
N LYS B 309 -16.65 -15.50 4.42
CA LYS B 309 -16.46 -15.64 5.86
C LYS B 309 -15.34 -14.70 6.32
N ALA B 310 -14.24 -14.71 5.54
CA ALA B 310 -13.04 -13.92 5.70
C ALA B 310 -13.36 -12.45 5.62
N ASN B 311 -14.26 -11.89 4.82
CA ASN B 311 -14.61 -10.48 4.83
C ASN B 311 -15.10 -10.08 6.20
N MET B 312 -15.97 -10.89 6.76
CA MET B 312 -16.68 -10.75 8.05
C MET B 312 -15.72 -10.95 9.21
N SER B 313 -14.82 -11.92 9.17
CA SER B 313 -13.83 -12.16 10.20
C SER B 313 -12.90 -10.97 10.35
N MET B 314 -12.33 -10.52 9.30
CA MET B 314 -11.42 -9.40 9.15
C MET B 314 -12.01 -8.18 9.72
N TYR B 315 -13.25 -7.81 9.29
CA TYR B 315 -13.90 -6.63 9.87
C TYR B 315 -14.11 -6.84 11.38
N LEU B 316 -14.53 -8.03 11.87
CA LEU B 316 -14.75 -8.17 13.34
C LEU B 316 -13.40 -8.17 14.08
N LEU B 317 -12.36 -8.74 13.57
CA LEU B 317 -11.06 -8.72 14.18
C LEU B 317 -10.50 -7.33 14.35
N LEU B 318 -10.63 -6.49 13.33
CA LEU B 318 -10.17 -5.14 13.27
C LEU B 318 -10.91 -4.25 14.21
N LYS B 319 -12.19 -4.47 14.29
CA LYS B 319 -13.15 -3.78 15.16
C LYS B 319 -12.75 -3.86 16.65
N GLU B 320 -12.42 -5.03 17.10
CA GLU B 320 -11.91 -5.52 18.34
C GLU B 320 -10.62 -4.80 18.78
N ARG B 321 -9.65 -4.82 17.87
CA ARG B 321 -8.35 -4.15 18.03
C ARG B 321 -8.57 -2.66 18.05
N ALA B 322 -9.46 -2.07 17.27
CA ALA B 322 -9.76 -0.68 17.27
C ALA B 322 -10.53 -0.26 18.50
N LEU B 323 -11.37 -1.11 19.09
CA LEU B 323 -12.07 -0.78 20.34
C LEU B 323 -10.99 -0.79 21.43
N ALA B 324 -10.13 -1.75 21.50
CA ALA B 324 -9.08 -1.78 22.52
C ALA B 324 -8.13 -0.61 22.47
N PHE B 325 -7.76 -0.12 21.32
CA PHE B 325 -6.89 0.99 20.99
C PHE B 325 -7.44 2.30 21.47
N ARG B 326 -8.68 2.61 21.22
CA ARG B 326 -9.17 3.88 21.70
C ARG B 326 -9.49 3.90 23.17
N ALA B 327 -9.72 2.73 23.76
CA ALA B 327 -10.03 2.53 25.15
C ALA B 327 -8.80 2.62 26.05
N ASP B 328 -7.66 2.34 25.49
CA ASP B 328 -6.37 2.30 26.16
C ASP B 328 -6.00 3.67 26.64
N PRO B 329 -5.74 3.72 27.96
CA PRO B 329 -5.40 4.98 28.62
C PRO B 329 -4.04 5.43 28.23
N GLU B 330 -3.10 4.61 27.84
CA GLU B 330 -1.83 5.11 27.32
C GLU B 330 -2.14 5.79 25.96
N VAL B 331 -3.06 5.35 25.10
CA VAL B 331 -3.39 5.94 23.83
C VAL B 331 -4.06 7.30 24.00
N GLN B 332 -4.97 7.36 24.95
CA GLN B 332 -5.72 8.58 25.28
C GLN B 332 -4.73 9.65 25.67
N GLU B 333 -3.77 9.40 26.48
CA GLU B 333 -2.69 10.31 26.91
C GLU B 333 -1.75 10.63 25.77
N ALA B 334 -1.32 9.69 24.90
CA ALA B 334 -0.53 9.87 23.70
C ALA B 334 -1.34 10.87 22.84
N MET B 335 -2.66 10.66 22.60
CA MET B 335 -3.52 11.55 21.85
C MET B 335 -3.55 12.97 22.34
N LYS B 336 -3.60 13.12 23.65
CA LYS B 336 -3.66 14.43 24.36
C LYS B 336 -2.33 15.09 24.11
N THR B 337 -1.18 14.46 24.28
CA THR B 337 0.15 14.99 23.96
C THR B 337 0.32 15.52 22.53
N SER B 338 -0.16 14.79 21.53
CA SER B 338 -0.14 15.09 20.12
C SER B 338 -1.09 16.21 19.68
N GLY B 339 -1.98 16.70 20.52
CA GLY B 339 -2.88 17.75 20.15
C GLY B 339 -4.11 17.27 19.47
N VAL B 340 -4.48 16.01 19.48
CA VAL B 340 -5.71 15.51 18.83
C VAL B 340 -6.97 16.14 19.34
N PHE B 341 -7.07 16.35 20.66
CA PHE B 341 -8.21 16.99 21.28
C PHE B 341 -8.10 18.44 21.03
N GLU B 342 -6.94 19.07 21.07
CA GLU B 342 -6.69 20.49 20.83
C GLU B 342 -7.17 20.99 19.50
N LEU B 343 -7.13 20.17 18.45
CA LEU B 343 -7.65 20.47 17.10
C LEU B 343 -9.14 20.72 17.11
N GLY B 344 -9.94 20.20 18.06
CA GLY B 344 -11.32 20.38 18.31
C GLY B 344 -11.55 21.76 18.90
N GLU B 345 -10.61 22.50 19.44
CA GLU B 345 -10.95 23.84 19.93
C GLU B 345 -11.00 24.84 18.80
N THR B 346 -11.94 25.77 18.80
CA THR B 346 -11.93 26.74 17.73
C THR B 346 -10.64 27.56 17.86
N THR B 347 -10.24 28.08 16.71
CA THR B 347 -9.08 28.95 16.58
C THR B 347 -9.41 30.31 17.21
N LEU B 348 -10.58 30.82 16.89
CA LEU B 348 -11.00 32.14 17.39
C LEU B 348 -11.69 31.97 18.74
N ASN B 349 -11.53 32.96 19.58
CA ASN B 349 -12.26 32.91 20.90
C ASN B 349 -13.72 33.29 20.63
N ALA B 350 -14.61 32.81 21.49
CA ALA B 350 -16.07 33.13 21.30
C ALA B 350 -16.14 34.64 21.23
N GLY B 351 -16.76 35.14 20.20
CA GLY B 351 -16.87 36.57 19.98
C GLY B 351 -15.71 37.19 19.26
N GLU B 352 -14.54 36.61 19.12
CA GLU B 352 -13.45 37.31 18.43
C GLU B 352 -13.70 37.50 16.95
N SER B 353 -13.32 38.64 16.41
CA SER B 353 -13.47 38.90 14.98
C SER B 353 -12.11 38.82 14.31
N ALA B 354 -12.13 38.85 13.00
CA ALA B 354 -10.91 38.88 12.19
C ALA B 354 -10.10 40.10 12.64
N ALA B 355 -10.69 41.31 12.76
CA ALA B 355 -9.92 42.47 13.20
C ALA B 355 -9.36 42.17 14.59
N ASP B 356 -10.21 41.74 15.52
CA ASP B 356 -9.70 41.38 16.86
C ASP B 356 -8.38 40.62 16.83
N LEU B 357 -8.41 39.42 16.21
CA LEU B 357 -7.19 38.65 16.10
C LEU B 357 -6.11 39.46 15.41
N MET B 358 -6.30 40.24 14.35
CA MET B 358 -5.19 40.97 13.73
C MET B 358 -4.43 41.84 14.73
N ASN B 359 -5.07 42.56 15.56
CA ASN B 359 -4.75 43.45 16.59
C ASN B 359 -4.33 42.79 17.91
N ASP B 360 -4.50 41.50 18.04
CA ASP B 360 -4.02 40.80 19.24
C ASP B 360 -2.51 40.62 19.01
N SER B 361 -1.69 41.42 19.72
CA SER B 361 -0.24 41.41 19.64
C SER B 361 0.44 40.07 19.89
N ALA B 362 -0.02 39.33 20.83
CA ALA B 362 0.35 38.04 21.26
C ALA B 362 0.07 36.98 20.20
N SER B 363 -0.83 37.07 19.24
CA SER B 363 -0.97 36.00 18.25
C SER B 363 -0.18 36.33 16.98
N PHE B 364 0.43 37.50 16.90
CA PHE B 364 1.21 37.83 15.68
C PHE B 364 2.44 38.64 16.00
N ALA B 365 2.42 39.95 16.08
CA ALA B 365 3.56 40.78 16.40
C ALA B 365 4.40 40.21 17.54
N GLY B 366 3.85 39.94 18.72
CA GLY B 366 4.66 39.40 19.79
C GLY B 366 4.76 37.93 19.89
N PHE B 367 4.36 37.09 18.97
CA PHE B 367 4.39 35.65 19.05
C PHE B 367 5.76 35.05 18.95
N ASP B 368 6.04 34.09 19.78
CA ASP B 368 7.43 33.49 19.58
C ASP B 368 7.35 32.27 18.66
N ALA B 369 7.55 32.45 17.38
CA ALA B 369 7.45 31.38 16.37
C ALA B 369 8.49 30.34 16.62
N GLU B 370 9.73 30.74 16.93
CA GLU B 370 10.82 29.85 17.24
C GLU B 370 10.49 29.02 18.47
N ALA B 371 9.89 29.57 19.51
CA ALA B 371 9.58 28.70 20.66
C ALA B 371 8.39 27.82 20.29
N ALA B 372 7.33 28.26 19.63
CA ALA B 372 6.21 27.32 19.27
C ALA B 372 6.73 26.18 18.44
N ALA B 373 7.73 26.27 17.52
CA ALA B 373 8.33 25.25 16.71
C ALA B 373 9.06 24.13 17.40
N GLU B 374 9.24 24.21 18.73
CA GLU B 374 10.03 23.16 19.44
C GLU B 374 9.11 22.04 19.82
N ARG B 375 7.83 22.27 19.93
CA ARG B 375 6.86 21.26 20.27
C ARG B 375 7.13 19.92 19.61
N ASN B 376 7.20 18.92 20.46
CA ASN B 376 7.37 17.56 19.98
C ASN B 376 5.94 17.11 19.74
N PHE B 377 5.43 16.93 18.49
CA PHE B 377 4.02 16.41 18.37
C PHE B 377 3.92 14.92 18.71
N ALA B 378 5.04 14.16 18.67
CA ALA B 378 5.06 12.75 19.06
C ALA B 378 4.10 11.91 18.26
N PHE B 379 3.99 12.15 16.96
CA PHE B 379 3.12 11.44 16.00
C PHE B 379 3.66 10.05 15.74
N ILE B 380 4.97 9.84 15.77
CA ILE B 380 5.62 8.55 15.57
C ILE B 380 5.23 7.64 16.72
N ARG B 381 5.35 8.11 17.96
CA ARG B 381 4.95 7.31 19.13
C ARG B 381 3.46 6.94 19.06
N LEU B 382 2.58 7.89 18.76
CA LEU B 382 1.17 7.66 18.56
C LEU B 382 0.97 6.61 17.45
N ASN B 383 1.72 6.66 16.32
CA ASN B 383 1.56 5.62 15.30
C ASN B 383 2.02 4.26 15.80
N GLN B 384 3.13 4.15 16.53
CA GLN B 384 3.62 2.94 17.10
C GLN B 384 2.58 2.28 18.03
N LEU B 385 1.84 3.00 18.83
CA LEU B 385 0.79 2.47 19.70
C LEU B 385 -0.36 1.94 18.86
N ALA B 386 -0.78 2.57 17.74
CA ALA B 386 -1.87 2.04 16.93
C ALA B 386 -1.46 0.69 16.37
N ILE B 387 -0.28 0.55 15.78
CA ILE B 387 0.20 -0.70 15.20
C ILE B 387 0.30 -1.81 16.21
N GLU B 388 0.80 -1.51 17.40
CA GLU B 388 0.92 -2.57 18.44
C GLU B 388 -0.45 -3.05 18.84
N HIS B 389 -1.51 -2.26 18.87
CA HIS B 389 -2.89 -2.56 19.10
C HIS B 389 -3.35 -3.42 17.94
N LEU B 390 -2.98 -3.10 16.70
CA LEU B 390 -3.34 -3.87 15.54
C LEU B 390 -2.64 -5.22 15.52
N LEU B 391 -1.38 -5.35 15.97
CA LEU B 391 -0.69 -6.63 16.01
C LEU B 391 -1.09 -7.48 17.18
N GLY B 392 -1.95 -7.12 18.07
CA GLY B 392 -2.52 -7.70 19.22
C GLY B 392 -1.52 -7.84 20.33
N SER B 393 -0.54 -7.04 20.37
CA SER B 393 0.62 -6.93 21.22
C SER B 393 0.27 -6.13 22.45
N ARG B 394 -0.67 -5.21 22.47
CA ARG B 394 -1.02 -4.44 23.64
C ARG B 394 -2.19 -4.99 24.45
#